data_4J2B
#
_entry.id   4J2B
#
_cell.length_a   75.590
_cell.length_b   120.465
_cell.length_c   130.865
_cell.angle_alpha   90.00
_cell.angle_beta   90.00
_cell.angle_gamma   90.00
#
_symmetry.space_group_name_H-M   'P 21 21 21'
#
loop_
_entity.id
_entity.type
_entity.pdbx_description
1 polymer 'DNA polymerase'
2 polymer "DNA (5'-D(*TP*CP*GP*TP*AP*TP*AP*AP*GP*CP*AP*GP*TP*CP*CP*GP*CP*G)-3')"
3 polymer "DNA (5'-D(*GP*CP*GP*GP*AP*CP*TP*GP*CP*TP*TP*AP*T)-3')"
4 non-polymer "ADENOSINE-5'-TRIPHOSPHATE"
5 non-polymer 'CALCIUM ION'
6 water water
#
loop_
_entity_poly.entity_id
_entity_poly.type
_entity_poly.pdbx_seq_one_letter_code
_entity_poly.pdbx_strand_id
1 'polypeptide(L)'
;MKEFYLTVEQIGDSIFERYIDSNGRERTREVEYKPSLFAHCPESQATKYFDIYGKPCTRKLFANMRDASQWIKRMEDIGL
EALGMDDFKLAYLSDTYNYEIKYDHTKIRVANFDIEVTSPDGFPEPSQAKHPIDAITHYDSIDDRFYVFDLLNSPYGNVE
EWSIEIAAKLQEQGGDEVPSEIIDKIIYMPFDNEKELLMEYLNFWQQKTPVILTGWNVESFAIPYVYNRIKNIFGESTAK
RLSPHRKTRVKVIENMYGSREIITLFGISVLDYIDLYKKFSFTNQPSYSLDYISEFELNVGKLKYDGPISKLRESNHQRY
ISYNIIAVYRVLQIDAKRQFINLSLDMGYYAKIQIQSVFSPIKTWDAIIFNSLKEQNKVIPQGRSHPVQPYPGAFVKEPI
PNRYKYVMSFDLTSGYPSIIRQVNISPETIAGTFKVAPLHDYINAVAERPSDVYSCSPNGMMYYKDRDGVVPTEITKVFN
QRKEHKGYMLAAQRNGEIIKEALHNPNLSVDEPLDVDYRFDFSDEIKEKIKKLSAKSLNEMLFRAQRTEVAGMTAQINRK
LLINSLYGALGNVWFRYYDLRNATAITTFGQMALQWIERKVNEYLNEVCGTEGEAFVLYGDTDSIYVSADKIIDKVGESK
FRDTNHWVDFLDKFARERMEPAIDRGFREMCEYMNNKQHLMFMDREAIAGPPLGSKGIGGFWTGKKRYALNVWDMEGTRY
AEPKLKIMGLETQKSSTPKAVQKALKECIRRMLQEGEESLQEYFKEFEKEFRQLNYISIASVSSANNIAKYDVGGFPGPK
CPFHIRGILTYNRAIKGNIDAPQVVEGEKVYVLPLREGNPFGDKCIAWPSGTEITDLIKDDVLHWMDYTVLLEKTFIKPL
EGFTSAAKLDYEKKASLFDMF
;
A
2 'polydeoxyribonucleotide' (DT)(DC)(DG)(DT)(DA)(DT)(DA)(DA)(DG)(DC)(DA)(DG)(DT)(DC)(DC)(DG)(DC)(DG) T
3 'polydeoxyribonucleotide' (DG)(DC)(DG)(DG)(DA)(DC)(DT)(DG)(DC)(DT)(DT)(DA)(DT) P
#
loop_
_chem_comp.id
_chem_comp.type
_chem_comp.name
_chem_comp.formula
ATP non-polymer ADENOSINE-5'-TRIPHOSPHATE 'C10 H16 N5 O13 P3'
CA non-polymer 'CALCIUM ION' 'Ca 2'
DA DNA linking 2'-DEOXYADENOSINE-5'-MONOPHOSPHATE 'C10 H14 N5 O6 P'
DC DNA linking 2'-DEOXYCYTIDINE-5'-MONOPHOSPHATE 'C9 H14 N3 O7 P'
DG DNA linking 2'-DEOXYGUANOSINE-5'-MONOPHOSPHATE 'C10 H14 N5 O7 P'
DT DNA linking THYMIDINE-5'-MONOPHOSPHATE 'C10 H15 N2 O8 P'
#
# COMPACT_ATOMS: atom_id res chain seq x y z
N MET A 1 15.44 9.09 -30.77
CA MET A 1 14.36 8.65 -29.84
C MET A 1 13.25 9.69 -29.78
N LYS A 2 12.11 9.31 -29.20
CA LYS A 2 11.04 10.25 -28.94
C LYS A 2 11.34 11.04 -27.66
N GLU A 3 11.01 12.32 -27.65
CA GLU A 3 11.26 13.17 -26.50
C GLU A 3 10.28 12.87 -25.37
N PHE A 4 10.70 13.12 -24.13
CA PHE A 4 9.79 13.05 -23.00
C PHE A 4 10.17 14.05 -21.90
N TYR A 5 9.17 14.53 -21.17
CA TYR A 5 9.41 15.48 -20.10
C TYR A 5 10.03 14.76 -18.92
N LEU A 6 10.74 15.52 -18.09
CA LEU A 6 11.23 15.08 -16.80
C LEU A 6 10.45 15.77 -15.68
N THR A 7 10.41 17.09 -15.74
CA THR A 7 9.61 17.88 -14.80
C THR A 7 8.98 19.06 -15.53
N VAL A 8 7.91 19.59 -14.95
CA VAL A 8 7.25 20.76 -15.48
C VAL A 8 6.73 21.63 -14.33
N GLU A 9 6.83 22.95 -14.49
CA GLU A 9 6.35 23.88 -13.48
C GLU A 9 5.71 25.09 -14.15
N GLN A 10 4.76 25.72 -13.47
CA GLN A 10 4.29 27.04 -13.87
C GLN A 10 4.91 28.08 -12.94
N ILE A 11 5.62 29.05 -13.50
CA ILE A 11 6.14 30.17 -12.71
C ILE A 11 5.70 31.48 -13.35
N GLY A 12 4.63 32.05 -12.81
CA GLY A 12 3.98 33.22 -13.42
C GLY A 12 3.41 32.86 -14.78
N ASP A 13 3.87 33.58 -15.80
CA ASP A 13 3.41 33.38 -17.18
C ASP A 13 4.32 32.47 -17.99
N SER A 14 5.29 31.84 -17.34
CA SER A 14 6.19 30.91 -18.01
C SER A 14 5.97 29.47 -17.55
N ILE A 15 6.09 28.55 -18.50
CA ILE A 15 6.23 27.15 -18.20
C ILE A 15 7.74 26.88 -18.18
N PHE A 16 8.21 26.25 -17.11
CA PHE A 16 9.59 25.78 -17.03
C PHE A 16 9.56 24.26 -17.13
N GLU A 17 10.24 23.72 -18.15
CA GLU A 17 10.26 22.29 -18.40
C GLU A 17 11.68 21.77 -18.51
N ARG A 18 11.97 20.71 -17.77
CA ARG A 18 13.16 19.92 -18.02
C ARG A 18 12.72 18.72 -18.83
N TYR A 19 13.47 18.36 -19.87
CA TYR A 19 13.08 17.24 -20.74
C TYR A 19 14.29 16.54 -21.35
N ILE A 20 14.06 15.34 -21.88
CA ILE A 20 15.05 14.60 -22.66
C ILE A 20 14.73 14.83 -24.13
N ASP A 21 15.70 15.36 -24.88
CA ASP A 21 15.48 15.73 -26.28
C ASP A 21 15.62 14.51 -27.21
N SER A 22 15.52 14.73 -28.52
CA SER A 22 15.46 13.62 -29.48
C SER A 22 16.77 12.86 -29.59
N ASN A 23 17.85 13.41 -29.01
CA ASN A 23 19.15 12.74 -28.98
C ASN A 23 19.46 12.13 -27.61
N GLY A 24 18.51 12.17 -26.69
CA GLY A 24 18.68 11.55 -25.39
C GLY A 24 19.42 12.42 -24.39
N ARG A 25 19.49 13.72 -24.64
CA ARG A 25 20.17 14.66 -23.75
C ARG A 25 19.16 15.44 -22.91
N GLU A 26 19.54 15.69 -21.66
CA GLU A 26 18.72 16.52 -20.77
C GLU A 26 18.79 17.98 -21.20
N ARG A 27 17.63 18.63 -21.24
CA ARG A 27 17.51 20.04 -21.60
C ARG A 27 16.54 20.74 -20.68
N THR A 28 16.55 22.06 -20.71
CA THR A 28 15.58 22.88 -19.97
C THR A 28 15.16 24.01 -20.87
N ARG A 29 13.90 24.41 -20.78
CA ARG A 29 13.42 25.56 -21.53
C ARG A 29 12.35 26.31 -20.76
N GLU A 30 12.26 27.60 -21.05
CA GLU A 30 11.20 28.46 -20.55
C GLU A 30 10.29 28.77 -21.72
N VAL A 31 8.98 28.56 -21.54
CA VAL A 31 8.00 28.71 -22.63
C VAL A 31 6.86 29.61 -22.17
N GLU A 32 6.53 30.61 -22.97
CA GLU A 32 5.45 31.53 -22.64
C GLU A 32 4.15 30.94 -23.20
N TYR A 33 3.69 29.89 -22.54
CA TYR A 33 2.55 29.09 -22.99
C TYR A 33 1.25 29.90 -22.92
N LYS A 34 0.52 29.90 -24.03
CA LYS A 34 -0.75 30.60 -24.14
C LYS A 34 -1.86 29.56 -23.96
N PRO A 35 -2.49 29.54 -22.77
CA PRO A 35 -3.49 28.51 -22.57
C PRO A 35 -4.82 28.87 -23.21
N SER A 36 -5.65 27.85 -23.45
CA SER A 36 -7.02 28.05 -23.91
C SER A 36 -7.97 27.55 -22.84
N LEU A 37 -9.10 28.26 -22.71
CA LEU A 37 -10.24 27.77 -21.95
C LEU A 37 -11.48 27.95 -22.82
N PHE A 38 -12.64 27.60 -22.28
CA PHE A 38 -13.85 27.50 -23.10
C PHE A 38 -15.07 28.05 -22.38
N ALA A 39 -15.99 28.60 -23.16
CA ALA A 39 -17.32 28.99 -22.71
C ALA A 39 -18.37 28.37 -23.64
N HIS A 40 -19.56 28.09 -23.11
CA HIS A 40 -20.67 27.67 -23.94
C HIS A 40 -20.98 28.79 -24.93
N CYS A 41 -21.52 28.43 -26.10
CA CYS A 41 -21.88 29.39 -27.14
C CYS A 41 -23.19 28.99 -27.83
N PRO A 42 -23.78 29.87 -28.65
CA PRO A 42 -25.03 29.50 -29.34
C PRO A 42 -24.85 28.38 -30.36
N GLU A 43 -25.95 27.71 -30.68
CA GLU A 43 -25.98 26.64 -31.69
C GLU A 43 -25.46 27.13 -33.03
N SER A 44 -25.96 28.29 -33.46
CA SER A 44 -25.58 28.89 -34.75
C SER A 44 -24.06 29.10 -34.88
N GLN A 45 -23.37 29.28 -33.76
CA GLN A 45 -21.92 29.49 -33.77
C GLN A 45 -21.21 28.17 -34.09
N ALA A 46 -20.64 28.08 -35.29
CA ALA A 46 -20.00 26.85 -35.77
C ALA A 46 -18.66 26.60 -35.06
N THR A 47 -18.56 25.43 -34.43
CA THR A 47 -17.35 25.07 -33.69
C THR A 47 -17.08 23.58 -33.84
N LYS A 48 -15.87 23.16 -33.47
CA LYS A 48 -15.54 21.74 -33.36
C LYS A 48 -15.41 21.30 -31.91
N TYR A 49 -15.62 22.22 -30.96
CA TYR A 49 -15.46 21.94 -29.53
C TYR A 49 -16.82 21.79 -28.88
N PHE A 50 -17.01 20.66 -28.19
CA PHE A 50 -18.24 20.36 -27.47
C PHE A 50 -17.91 19.88 -26.06
N ASP A 51 -18.77 20.21 -25.10
CA ASP A 51 -18.60 19.69 -23.74
C ASP A 51 -19.04 18.21 -23.68
N ILE A 52 -18.90 17.57 -22.52
CA ILE A 52 -19.12 16.13 -22.48
C ILE A 52 -20.59 15.75 -22.70
N TYR A 53 -21.48 16.74 -22.62
CA TYR A 53 -22.92 16.54 -22.85
C TYR A 53 -23.36 16.92 -24.26
N GLY A 54 -22.42 17.27 -25.14
CA GLY A 54 -22.73 17.59 -26.53
C GLY A 54 -23.10 19.04 -26.80
N LYS A 55 -22.94 19.91 -25.81
CA LYS A 55 -23.25 21.33 -25.98
C LYS A 55 -22.05 22.09 -26.56
N PRO A 56 -22.29 22.95 -27.57
CA PRO A 56 -21.20 23.63 -28.29
C PRO A 56 -20.47 24.65 -27.43
N CYS A 57 -19.15 24.74 -27.66
CA CYS A 57 -18.29 25.66 -26.93
C CYS A 57 -17.42 26.46 -27.89
N THR A 58 -17.07 27.68 -27.46
CA THR A 58 -16.07 28.50 -28.15
C THR A 58 -14.77 28.45 -27.36
N ARG A 59 -13.65 28.38 -28.06
CA ARG A 59 -12.35 28.37 -27.39
C ARG A 59 -11.89 29.81 -27.22
N LYS A 60 -11.35 30.12 -26.04
CA LYS A 60 -10.77 31.43 -25.77
C LYS A 60 -9.28 31.30 -25.53
N LEU A 61 -8.49 31.89 -26.43
CA LEU A 61 -7.04 31.84 -26.34
C LEU A 61 -6.56 33.08 -25.59
N PHE A 62 -5.77 32.88 -24.54
CA PHE A 62 -5.34 33.98 -23.69
C PHE A 62 -3.90 34.41 -23.99
N ALA A 63 -3.63 35.70 -23.81
CA ALA A 63 -2.29 36.23 -24.00
C ALA A 63 -1.27 35.61 -23.02
N ASN A 64 -1.75 35.15 -21.86
CA ASN A 64 -0.90 34.51 -20.88
C ASN A 64 -1.72 33.75 -19.84
N MET A 65 -1.04 32.99 -18.99
CA MET A 65 -1.72 32.15 -18.00
C MET A 65 -2.41 32.99 -16.93
N ARG A 66 -1.82 34.12 -16.57
CA ARG A 66 -2.45 35.03 -15.61
C ARG A 66 -3.78 35.61 -16.13
N ASP A 67 -3.88 35.88 -17.43
CA ASP A 67 -5.16 36.30 -18.03
C ASP A 67 -6.24 35.22 -17.92
N ALA A 68 -5.87 33.97 -18.23
CA ALA A 68 -6.79 32.84 -18.10
C ALA A 68 -7.32 32.69 -16.66
N SER A 69 -6.42 32.76 -15.70
CA SER A 69 -6.78 32.70 -14.28
C SER A 69 -7.73 33.82 -13.85
N GLN A 70 -7.44 35.03 -14.28
CA GLN A 70 -8.31 36.16 -13.98
C GLN A 70 -9.66 36.01 -14.67
N TRP A 71 -9.67 35.41 -15.85
CA TRP A 71 -10.92 35.15 -16.58
C TRP A 71 -11.82 34.17 -15.82
N ILE A 72 -11.21 33.13 -15.24
CA ILE A 72 -11.97 32.17 -14.46
C ILE A 72 -12.65 32.86 -13.27
N LYS A 73 -11.93 33.75 -12.60
CA LYS A 73 -12.49 34.48 -11.44
C LYS A 73 -13.66 35.37 -11.84
N ARG A 74 -13.51 36.08 -12.94
CA ARG A 74 -14.57 36.96 -13.42
C ARG A 74 -15.79 36.19 -13.88
N MET A 75 -15.58 34.97 -14.37
CA MET A 75 -16.69 34.10 -14.77
C MET A 75 -17.48 33.59 -13.56
N GLU A 76 -16.79 33.35 -12.45
CA GLU A 76 -17.46 33.07 -11.18
C GLU A 76 -18.24 34.30 -10.69
N ASP A 77 -17.64 35.48 -10.80
CA ASP A 77 -18.34 36.74 -10.43
C ASP A 77 -19.62 36.94 -11.24
N ILE A 78 -19.60 36.53 -12.50
CA ILE A 78 -20.74 36.64 -13.38
C ILE A 78 -21.75 35.54 -13.06
N GLY A 79 -21.25 34.34 -12.78
CA GLY A 79 -22.09 33.18 -12.50
C GLY A 79 -22.21 32.24 -13.68
N LEU A 80 -21.12 32.10 -14.44
CA LEU A 80 -21.11 31.24 -15.64
C LEU A 80 -19.96 30.27 -15.59
N GLU A 81 -20.19 29.08 -16.13
CA GLU A 81 -19.17 28.02 -16.12
C GLU A 81 -17.99 28.43 -17.00
N ALA A 82 -16.79 28.24 -16.47
CA ALA A 82 -15.55 28.41 -17.22
C ALA A 82 -14.98 27.01 -17.41
N LEU A 83 -15.07 26.51 -18.65
CA LEU A 83 -14.70 25.13 -18.96
C LEU A 83 -13.23 25.00 -19.36
N GLY A 84 -12.67 23.79 -19.21
CA GLY A 84 -11.31 23.48 -19.67
C GLY A 84 -10.31 23.18 -18.57
N MET A 85 -9.13 22.71 -18.95
CA MET A 85 -8.10 22.33 -17.98
C MET A 85 -7.53 23.58 -17.32
N ASP A 86 -7.90 23.79 -16.07
CA ASP A 86 -7.47 24.96 -15.31
C ASP A 86 -6.05 24.80 -14.72
N ASP A 87 -5.52 23.58 -14.71
CA ASP A 87 -4.11 23.35 -14.38
C ASP A 87 -3.27 23.40 -15.66
N PHE A 88 -2.70 24.57 -15.92
CA PHE A 88 -2.15 24.87 -17.23
C PHE A 88 -0.98 23.98 -17.64
N LYS A 89 -0.14 23.60 -16.69
CA LYS A 89 0.96 22.69 -17.04
C LYS A 89 0.52 21.32 -17.55
N LEU A 90 -0.63 20.83 -17.08
CA LEU A 90 -1.22 19.61 -17.65
C LEU A 90 -1.66 19.82 -19.10
N ALA A 91 -2.21 21.00 -19.42
CA ALA A 91 -2.56 21.34 -20.81
C ALA A 91 -1.30 21.46 -21.67
N TYR A 92 -0.27 22.09 -21.12
CA TYR A 92 1.04 22.18 -21.76
C TYR A 92 1.59 20.79 -22.14
N LEU A 93 1.59 19.87 -21.20
CA LEU A 93 2.10 18.52 -21.46
C LEU A 93 1.25 17.83 -22.51
N SER A 94 -0.06 18.04 -22.43
CA SER A 94 -0.98 17.44 -23.38
C SER A 94 -0.72 17.95 -24.79
N ASP A 95 -0.44 19.24 -24.92
CA ASP A 95 -0.08 19.84 -26.21
C ASP A 95 1.32 19.44 -26.67
N THR A 96 2.27 19.39 -25.74
CA THR A 96 3.67 19.14 -26.08
C THR A 96 3.95 17.66 -26.34
N TYR A 97 3.27 16.78 -25.62
CA TYR A 97 3.47 15.32 -25.76
C TYR A 97 2.18 14.64 -26.17
N ASN A 98 1.73 14.94 -27.38
CA ASN A 98 0.45 14.44 -27.86
C ASN A 98 0.65 13.07 -28.53
N TYR A 99 1.07 12.11 -27.72
CA TYR A 99 1.25 10.72 -28.12
C TYR A 99 1.48 9.91 -26.86
N GLU A 100 1.43 8.59 -26.97
CA GLU A 100 1.72 7.73 -25.83
C GLU A 100 3.21 7.85 -25.50
N ILE A 101 3.53 8.32 -24.29
CA ILE A 101 4.94 8.52 -23.92
C ILE A 101 5.69 7.20 -23.74
N LYS A 102 6.81 7.10 -24.42
CA LYS A 102 7.75 5.99 -24.28
C LYS A 102 8.98 6.60 -23.63
N TYR A 103 9.23 6.24 -22.37
CA TYR A 103 10.31 6.85 -21.60
C TYR A 103 11.47 5.87 -21.40
N ASP A 104 12.65 6.43 -21.20
CA ASP A 104 13.88 5.67 -21.01
C ASP A 104 14.40 6.06 -19.63
N HIS A 105 14.25 5.17 -18.66
CA HIS A 105 14.58 5.47 -17.27
C HIS A 105 16.08 5.69 -17.05
N THR A 106 16.90 5.11 -17.92
CA THR A 106 18.36 5.27 -17.80
C THR A 106 18.79 6.72 -18.02
N LYS A 107 17.94 7.51 -18.68
CA LYS A 107 18.20 8.94 -18.89
C LYS A 107 17.65 9.84 -17.78
N ILE A 108 16.89 9.27 -16.85
CA ILE A 108 16.29 10.03 -15.75
C ILE A 108 17.19 9.97 -14.51
N ARG A 109 17.53 11.14 -13.96
CA ARG A 109 18.42 11.21 -12.80
C ARG A 109 17.64 11.01 -11.51
N VAL A 110 17.81 9.84 -10.91
CA VAL A 110 17.15 9.49 -9.68
C VAL A 110 18.18 9.58 -8.56
N ALA A 111 17.95 10.50 -7.61
CA ALA A 111 18.87 10.70 -6.51
C ALA A 111 18.25 10.24 -5.19
N ASN A 112 19.08 9.56 -4.41
CA ASN A 112 18.73 8.98 -3.14
C ASN A 112 19.74 9.54 -2.13
N PHE A 113 19.28 10.34 -1.17
CA PHE A 113 20.21 10.91 -0.19
C PHE A 113 19.76 10.80 1.26
N ASP A 114 20.73 11.00 2.15
CA ASP A 114 20.48 10.97 3.59
C ASP A 114 21.53 11.84 4.26
N ILE A 115 21.13 12.60 5.28
CA ILE A 115 22.05 13.46 6.00
C ILE A 115 22.15 13.05 7.46
N GLU A 116 23.28 13.35 8.09
CA GLU A 116 23.45 13.20 9.53
C GLU A 116 23.68 14.58 10.17
N VAL A 117 23.10 14.76 11.35
CA VAL A 117 23.19 15.99 12.14
C VAL A 117 23.34 15.66 13.64
N THR A 118 24.52 15.92 14.20
CA THR A 118 24.74 15.71 15.64
C THR A 118 24.00 16.78 16.44
N SER A 119 23.25 16.35 17.46
CA SER A 119 22.48 17.26 18.31
C SER A 119 22.43 16.81 19.78
N PRO A 120 23.11 17.54 20.68
CA PRO A 120 23.10 17.22 22.12
C PRO A 120 21.83 17.63 22.89
N ASP A 121 21.04 18.54 22.33
CA ASP A 121 19.83 19.04 23.00
C ASP A 121 18.54 18.49 22.36
N GLY A 122 18.54 17.19 22.07
CA GLY A 122 17.36 16.51 21.54
C GLY A 122 17.24 16.63 20.03
N PHE A 123 16.04 16.35 19.53
CA PHE A 123 15.79 16.23 18.09
C PHE A 123 16.10 17.54 17.34
N PRO A 124 16.87 17.45 16.24
CA PRO A 124 17.20 18.64 15.47
C PRO A 124 16.06 19.07 14.55
N GLU A 125 15.34 20.12 14.95
CA GLU A 125 14.20 20.61 14.17
C GLU A 125 14.65 21.21 12.84
N PRO A 126 14.12 20.70 11.72
CA PRO A 126 14.44 21.22 10.38
C PRO A 126 14.14 22.70 10.18
N SER A 127 13.05 23.18 10.76
CA SER A 127 12.68 24.60 10.61
C SER A 127 13.67 25.53 11.31
N GLN A 128 14.33 25.04 12.35
CA GLN A 128 15.33 25.82 13.07
C GLN A 128 16.73 25.62 12.47
N ALA A 129 17.09 24.37 12.18
CA ALA A 129 18.38 24.00 11.59
C ALA A 129 19.58 24.66 12.28
N LYS A 130 19.66 24.49 13.59
CA LYS A 130 20.68 25.18 14.38
C LYS A 130 21.93 24.36 14.63
N HIS A 131 21.96 23.11 14.15
CA HIS A 131 23.15 22.26 14.29
C HIS A 131 23.83 21.98 12.94
N PRO A 132 25.16 21.84 12.95
CA PRO A 132 25.87 21.53 11.70
C PRO A 132 25.41 20.24 11.03
N ILE A 133 25.33 20.25 9.70
CA ILE A 133 25.20 19.03 8.94
C ILE A 133 26.61 18.44 8.88
N ASP A 134 26.79 17.24 9.43
CA ASP A 134 28.13 16.64 9.51
C ASP A 134 28.35 15.42 8.59
N ALA A 135 27.32 15.03 7.84
CA ALA A 135 27.49 14.04 6.79
C ALA A 135 26.33 14.09 5.80
N ILE A 136 26.66 13.94 4.52
CA ILE A 136 25.67 13.73 3.48
C ILE A 136 26.15 12.58 2.60
N THR A 137 25.32 11.55 2.44
CA THR A 137 25.55 10.56 1.38
C THR A 137 24.47 10.72 0.32
N HIS A 138 24.91 10.87 -0.94
CA HIS A 138 24.04 11.13 -2.07
C HIS A 138 24.32 10.16 -3.23
N TYR A 139 23.38 9.26 -3.50
CA TYR A 139 23.52 8.32 -4.60
C TYR A 139 22.87 8.86 -5.88
N ASP A 140 23.58 8.72 -6.98
CA ASP A 140 23.12 9.19 -8.29
C ASP A 140 22.97 7.97 -9.20
N SER A 141 21.76 7.78 -9.74
CA SER A 141 21.44 6.59 -10.53
C SER A 141 22.14 6.57 -11.89
N ILE A 142 22.43 7.75 -12.42
CA ILE A 142 23.12 7.88 -13.71
C ILE A 142 24.61 7.53 -13.55
N ASP A 143 25.30 8.14 -12.58
CA ASP A 143 26.70 7.76 -12.33
C ASP A 143 26.83 6.38 -11.67
N ASP A 144 25.75 5.90 -11.07
CA ASP A 144 25.80 4.70 -10.23
C ASP A 144 26.90 4.85 -9.18
N ARG A 145 26.94 6.01 -8.52
CA ARG A 145 27.93 6.27 -7.48
C ARG A 145 27.29 6.83 -6.22
N PHE A 146 27.89 6.49 -5.08
CA PHE A 146 27.55 7.06 -3.77
C PHE A 146 28.56 8.17 -3.47
N TYR A 147 28.09 9.42 -3.47
CA TYR A 147 28.94 10.56 -3.10
C TYR A 147 28.77 10.88 -1.63
N VAL A 148 29.88 10.85 -0.90
CA VAL A 148 29.90 11.03 0.55
C VAL A 148 30.62 12.32 0.90
N PHE A 149 29.90 13.21 1.58
CA PHE A 149 30.42 14.50 2.03
C PHE A 149 30.56 14.42 3.55
N ASP A 150 31.80 14.49 4.05
CA ASP A 150 32.13 14.19 5.45
C ASP A 150 32.77 15.40 6.16
N LEU A 151 32.16 15.86 7.25
CA LEU A 151 32.66 17.00 8.01
C LEU A 151 33.61 16.55 9.10
N LEU A 152 34.88 16.89 8.96
CA LEU A 152 35.91 16.48 9.95
C LEU A 152 35.98 17.40 11.15
N ASN A 153 35.60 18.66 10.97
CA ASN A 153 35.67 19.67 12.03
C ASN A 153 34.33 20.31 12.32
N SER A 154 33.95 20.25 13.59
CA SER A 154 32.66 20.74 14.04
C SER A 154 32.80 21.27 15.44
N PRO A 155 31.91 22.19 15.85
CA PRO A 155 31.82 22.53 17.28
C PRO A 155 31.56 21.32 18.21
N TYR A 156 30.99 20.23 17.68
CA TYR A 156 30.73 19.04 18.50
C TYR A 156 31.82 17.96 18.36
N GLY A 157 32.92 18.30 17.70
CA GLY A 157 34.11 17.44 17.72
C GLY A 157 34.90 17.48 16.43
N ASN A 158 36.21 17.31 16.56
CA ASN A 158 37.10 17.10 15.43
C ASN A 158 37.43 15.61 15.31
N VAL A 159 37.46 15.11 14.09
CA VAL A 159 37.61 13.67 13.85
C VAL A 159 38.54 13.37 12.68
N GLU A 160 38.91 12.11 12.55
CA GLU A 160 39.77 11.64 11.47
C GLU A 160 38.91 11.25 10.28
N GLU A 161 39.54 11.23 9.10
CA GLU A 161 38.88 10.73 7.90
C GLU A 161 38.32 9.32 8.11
N TRP A 162 37.22 9.04 7.44
CA TRP A 162 36.65 7.71 7.37
C TRP A 162 37.56 6.85 6.50
N SER A 163 37.71 5.58 6.88
CA SER A 163 38.55 4.64 6.13
C SER A 163 37.70 3.61 5.38
N ILE A 164 37.80 3.62 4.06
CA ILE A 164 37.06 2.67 3.23
C ILE A 164 37.51 1.22 3.44
N GLU A 165 38.78 1.04 3.84
CA GLU A 165 39.33 -0.29 4.10
C GLU A 165 38.66 -0.90 5.33
N ILE A 166 38.53 -0.11 6.40
CA ILE A 166 37.86 -0.58 7.60
C ILE A 166 36.35 -0.75 7.35
N ALA A 167 35.77 0.10 6.51
CA ALA A 167 34.34 0.02 6.18
C ALA A 167 34.02 -1.33 5.56
N ALA A 168 34.90 -1.76 4.66
CA ALA A 168 34.73 -3.02 3.92
C ALA A 168 34.84 -4.25 4.81
N LYS A 169 35.62 -4.18 5.88
CA LYS A 169 35.91 -5.37 6.70
C LYS A 169 34.71 -5.87 7.47
N LEU A 170 34.76 -7.15 7.84
CA LEU A 170 33.69 -7.78 8.61
C LEU A 170 33.54 -7.13 9.98
N GLN A 171 32.33 -7.19 10.54
CA GLN A 171 32.09 -6.80 11.94
C GLN A 171 33.09 -7.50 12.86
N GLU A 172 33.38 -8.77 12.57
CA GLU A 172 34.26 -9.59 13.40
C GLU A 172 35.73 -9.18 13.29
N GLN A 173 36.06 -8.38 12.28
CA GLN A 173 37.38 -7.79 12.14
C GLN A 173 37.46 -6.39 12.74
N GLY A 174 36.33 -5.88 13.23
CA GLY A 174 36.25 -4.51 13.72
C GLY A 174 35.82 -3.55 12.62
N GLY A 175 35.34 -4.08 11.50
CA GLY A 175 34.93 -3.25 10.38
C GLY A 175 33.44 -2.97 10.43
N ASP A 176 32.92 -2.38 9.36
CA ASP A 176 31.53 -1.95 9.34
C ASP A 176 30.65 -2.78 8.42
N GLU A 177 31.25 -3.71 7.68
CA GLU A 177 30.52 -4.55 6.72
C GLU A 177 29.66 -3.75 5.74
N VAL A 178 30.23 -2.68 5.20
CA VAL A 178 29.63 -2.00 4.06
C VAL A 178 29.68 -3.03 2.93
N PRO A 179 28.52 -3.36 2.31
CA PRO A 179 28.46 -4.40 1.29
C PRO A 179 29.53 -4.26 0.21
N SER A 180 30.21 -5.36 -0.09
CA SER A 180 31.31 -5.35 -1.05
C SER A 180 30.87 -4.87 -2.44
N GLU A 181 29.61 -5.11 -2.79
CA GLU A 181 29.11 -4.71 -4.11
C GLU A 181 29.01 -3.19 -4.32
N ILE A 182 29.04 -2.39 -3.24
CA ILE A 182 29.06 -0.93 -3.37
C ILE A 182 30.40 -0.28 -3.02
N ILE A 183 31.33 -1.05 -2.47
CA ILE A 183 32.62 -0.49 -2.06
C ILE A 183 33.31 0.29 -3.18
N ASP A 184 33.32 -0.26 -4.39
CA ASP A 184 33.95 0.41 -5.53
C ASP A 184 33.15 1.59 -6.07
N LYS A 185 31.91 1.77 -5.62
CA LYS A 185 31.05 2.84 -6.14
C LYS A 185 31.00 4.07 -5.23
N ILE A 186 31.85 4.10 -4.21
CA ILE A 186 31.88 5.18 -3.24
C ILE A 186 32.94 6.22 -3.62
N ILE A 187 32.55 7.49 -3.58
CA ILE A 187 33.44 8.59 -3.88
C ILE A 187 33.38 9.49 -2.65
N TYR A 188 34.45 9.44 -1.86
CA TYR A 188 34.51 10.02 -0.53
C TYR A 188 35.20 11.38 -0.55
N MET A 189 34.57 12.37 0.07
CA MET A 189 35.07 13.74 0.10
C MET A 189 35.00 14.31 1.52
N PRO A 190 36.16 14.42 2.22
CA PRO A 190 36.18 15.04 3.55
C PRO A 190 36.31 16.56 3.48
N PHE A 191 35.87 17.26 4.52
CA PHE A 191 35.88 18.73 4.55
C PHE A 191 36.35 19.29 5.88
N ASP A 192 37.20 20.32 5.79
CA ASP A 192 37.68 21.07 6.95
C ASP A 192 36.57 21.77 7.72
N ASN A 193 35.56 22.24 6.99
CA ASN A 193 34.50 23.05 7.59
C ASN A 193 33.18 22.93 6.84
N GLU A 194 32.09 23.16 7.57
CA GLU A 194 30.74 22.97 7.05
C GLU A 194 30.41 23.90 5.89
N LYS A 195 30.92 25.13 5.92
CA LYS A 195 30.65 26.07 4.84
C LYS A 195 31.11 25.52 3.48
N GLU A 196 32.34 25.00 3.43
CA GLU A 196 32.86 24.47 2.17
C GLU A 196 32.20 23.13 1.78
N LEU A 197 31.86 22.29 2.76
CA LEU A 197 31.06 21.08 2.50
C LEU A 197 29.76 21.48 1.77
N LEU A 198 29.06 22.47 2.30
CA LEU A 198 27.76 22.88 1.76
C LEU A 198 27.86 23.56 0.39
N MET A 199 28.88 24.40 0.20
CA MET A 199 29.10 25.06 -1.09
C MET A 199 29.45 24.04 -2.17
N GLU A 200 30.25 23.05 -1.80
CA GLU A 200 30.59 21.96 -2.70
C GLU A 200 29.36 21.12 -3.05
N TYR A 201 28.53 20.84 -2.06
CA TYR A 201 27.30 20.09 -2.30
C TYR A 201 26.39 20.78 -3.32
N LEU A 202 26.27 22.10 -3.21
CA LEU A 202 25.42 22.87 -4.15
C LEU A 202 26.01 22.88 -5.56
N ASN A 203 27.34 23.02 -5.67
CA ASN A 203 28.02 22.91 -6.96
C ASN A 203 27.80 21.54 -7.61
N PHE A 204 27.93 20.50 -6.80
CA PHE A 204 27.65 19.13 -7.21
C PHE A 204 26.19 19.00 -7.67
N TRP A 205 25.26 19.50 -6.86
CA TRP A 205 23.83 19.47 -7.15
C TRP A 205 23.50 20.15 -8.48
N GLN A 206 24.18 21.25 -8.75
CA GLN A 206 24.04 21.96 -10.04
C GLN A 206 24.47 21.07 -11.20
N GLN A 207 25.58 20.36 -11.03
CA GLN A 207 26.05 19.46 -12.07
C GLN A 207 25.14 18.25 -12.23
N LYS A 208 24.71 17.69 -11.11
CA LYS A 208 23.93 16.45 -11.11
C LYS A 208 22.58 16.69 -10.44
N THR A 209 21.76 17.54 -11.08
CA THR A 209 20.48 17.96 -10.53
C THR A 209 19.43 16.87 -10.58
N PRO A 210 18.96 16.40 -9.42
CA PRO A 210 17.97 15.32 -9.39
C PRO A 210 16.73 15.68 -10.17
N VAL A 211 16.16 14.69 -10.85
CA VAL A 211 14.83 14.80 -11.40
C VAL A 211 13.88 14.20 -10.38
N ILE A 212 14.09 12.92 -10.08
CA ILE A 212 13.40 12.25 -8.99
C ILE A 212 14.29 12.28 -7.75
N LEU A 213 13.73 12.74 -6.64
CA LEU A 213 14.47 12.86 -5.40
C LEU A 213 13.74 12.05 -4.34
N THR A 214 14.45 11.11 -3.75
CA THR A 214 13.88 10.18 -2.78
C THR A 214 14.88 9.93 -1.66
N GLY A 215 14.52 9.02 -0.76
CA GLY A 215 15.25 8.76 0.47
C GLY A 215 14.23 8.38 1.53
N TRP A 216 14.63 8.35 2.80
CA TRP A 216 13.74 7.97 3.89
C TRP A 216 13.47 9.17 4.80
N ASN A 217 12.22 9.64 4.83
CA ASN A 217 11.87 10.92 5.47
C ASN A 217 12.57 12.15 4.89
N VAL A 218 12.92 12.12 3.60
CA VAL A 218 13.58 13.26 2.97
C VAL A 218 12.69 14.51 2.92
N GLU A 219 11.38 14.33 2.68
CA GLU A 219 10.47 15.47 2.53
C GLU A 219 10.19 16.16 3.87
N SER A 220 10.14 15.36 4.94
CA SER A 220 9.86 15.90 6.28
C SER A 220 11.13 16.30 7.03
N PHE A 221 12.26 15.66 6.75
CA PHE A 221 13.51 16.00 7.46
C PHE A 221 14.65 16.51 6.58
N ALA A 222 15.24 15.65 5.75
CA ALA A 222 16.46 16.01 5.02
C ALA A 222 16.35 17.29 4.21
N ILE A 223 15.33 17.38 3.37
CA ILE A 223 15.18 18.53 2.48
C ILE A 223 14.99 19.85 3.27
N PRO A 224 14.03 19.88 4.21
CA PRO A 224 13.89 21.10 5.02
C PRO A 224 15.12 21.45 5.85
N TYR A 225 15.83 20.45 6.40
CA TYR A 225 17.04 20.72 7.17
C TYR A 225 18.14 21.32 6.30
N VAL A 226 18.41 20.69 5.15
CA VAL A 226 19.45 21.18 4.25
C VAL A 226 19.12 22.59 3.76
N TYR A 227 17.88 22.81 3.34
CA TYR A 227 17.43 24.11 2.87
C TYR A 227 17.58 25.21 3.93
N ASN A 228 17.10 24.92 5.14
CA ASN A 228 17.10 25.90 6.21
C ASN A 228 18.47 26.15 6.82
N ARG A 229 19.35 25.14 6.76
CA ARG A 229 20.72 25.30 7.24
C ARG A 229 21.52 26.21 6.32
N ILE A 230 21.40 25.96 5.01
CA ILE A 230 22.06 26.77 3.99
C ILE A 230 21.52 28.20 4.03
N LYS A 231 20.21 28.32 4.20
CA LYS A 231 19.57 29.63 4.38
C LYS A 231 20.15 30.39 5.58
N ASN A 232 20.30 29.72 6.71
CA ASN A 232 20.88 30.35 7.91
C ASN A 232 22.33 30.82 7.71
N ILE A 233 23.14 29.98 7.08
CA ILE A 233 24.57 30.27 6.89
C ILE A 233 24.82 31.29 5.76
N PHE A 234 24.19 31.09 4.60
CA PHE A 234 24.50 31.86 3.39
C PHE A 234 23.40 32.85 2.98
N GLY A 235 22.17 32.61 3.40
CA GLY A 235 21.03 33.40 2.95
C GLY A 235 20.14 32.62 2.00
N GLU A 236 19.00 33.22 1.66
CA GLU A 236 17.95 32.57 0.87
C GLU A 236 18.34 32.21 -0.56
N SER A 237 18.94 33.17 -1.27
CA SER A 237 19.25 33.00 -2.69
C SER A 237 20.13 31.77 -2.91
N THR A 238 21.04 31.53 -1.97
CA THR A 238 21.90 30.36 -2.01
C THR A 238 21.10 29.08 -1.74
N ALA A 239 20.19 29.11 -0.76
CA ALA A 239 19.36 27.95 -0.45
C ALA A 239 18.50 27.52 -1.63
N LYS A 240 18.03 28.50 -2.42
CA LYS A 240 17.16 28.23 -3.57
C LYS A 240 17.88 27.63 -4.77
N ARG A 241 19.21 27.52 -4.71
CA ARG A 241 19.98 26.80 -5.74
C ARG A 241 19.67 25.30 -5.77
N LEU A 242 18.98 24.79 -4.74
CA LEU A 242 18.42 23.43 -4.74
C LEU A 242 17.28 23.27 -5.75
N SER A 243 16.63 24.37 -6.12
CA SER A 243 15.71 24.36 -7.27
C SER A 243 16.46 24.77 -8.52
N PRO A 244 16.35 23.98 -9.61
CA PRO A 244 17.00 24.37 -10.87
C PRO A 244 16.42 25.63 -11.50
N HIS A 245 15.23 26.05 -11.09
CA HIS A 245 14.66 27.32 -11.56
C HIS A 245 14.76 28.40 -10.49
N ARG A 246 15.50 28.11 -9.43
CA ARG A 246 15.73 29.03 -8.32
C ARG A 246 14.45 29.47 -7.63
N LYS A 247 13.40 28.64 -7.68
CA LYS A 247 12.15 28.96 -7.00
C LYS A 247 11.80 27.86 -6.01
N THR A 248 11.49 28.26 -4.78
CA THR A 248 11.03 27.34 -3.75
C THR A 248 9.84 27.95 -3.03
N ARG A 249 9.12 27.14 -2.27
CA ARG A 249 7.99 27.59 -1.49
C ARG A 249 7.90 26.80 -0.20
N VAL A 250 7.75 27.49 0.92
CA VAL A 250 7.44 26.85 2.20
C VAL A 250 5.99 26.41 2.13
N LYS A 251 5.75 25.12 2.38
CA LYS A 251 4.45 24.52 2.11
C LYS A 251 3.88 23.82 3.34
N VAL A 252 2.75 24.35 3.82
CA VAL A 252 2.14 23.86 5.06
C VAL A 252 1.25 22.65 4.78
N ILE A 253 1.47 21.58 5.54
CA ILE A 253 0.68 20.35 5.44
C ILE A 253 -0.27 20.30 6.64
N GLU A 254 -1.57 20.29 6.35
CA GLU A 254 -2.61 20.31 7.41
C GLU A 254 -3.34 18.97 7.55
N ASN A 255 -3.69 18.64 8.79
CA ASN A 255 -4.63 17.55 9.08
C ASN A 255 -5.54 17.94 10.25
N MET A 256 -6.35 17.01 10.74
CA MET A 256 -7.29 17.29 11.83
C MET A 256 -6.64 17.79 13.12
N TYR A 257 -5.40 17.35 13.40
CA TYR A 257 -4.74 17.63 14.69
C TYR A 257 -3.37 18.28 14.53
N GLY A 258 -3.33 19.43 13.86
CA GLY A 258 -2.09 20.21 13.72
C GLY A 258 -1.54 20.29 12.32
N SER A 259 -0.34 20.84 12.18
CA SER A 259 0.31 20.99 10.88
C SER A 259 1.83 21.14 10.94
N ARG A 260 2.47 20.87 9.80
CA ARG A 260 3.93 20.90 9.67
C ARG A 260 4.28 21.53 8.32
N GLU A 261 5.56 21.82 8.09
CA GLU A 261 5.98 22.50 6.86
C GLU A 261 7.05 21.75 6.05
N ILE A 262 6.87 21.76 4.74
CA ILE A 262 7.83 21.17 3.82
C ILE A 262 8.28 22.25 2.84
N ILE A 263 9.34 21.96 2.10
CA ILE A 263 9.86 22.90 1.13
C ILE A 263 9.66 22.35 -0.27
N THR A 264 8.81 23.01 -1.04
CA THR A 264 8.61 22.63 -2.43
C THR A 264 9.78 23.18 -3.24
N LEU A 265 10.49 22.28 -3.94
CA LEU A 265 11.59 22.67 -4.81
C LEU A 265 11.11 22.61 -6.26
N PHE A 266 10.87 23.76 -6.86
CA PHE A 266 10.38 23.81 -8.24
C PHE A 266 11.40 23.18 -9.19
N GLY A 267 10.90 22.29 -10.06
CA GLY A 267 11.74 21.59 -11.04
C GLY A 267 12.40 20.32 -10.51
N ILE A 268 12.00 19.91 -9.31
CA ILE A 268 12.37 18.60 -8.77
C ILE A 268 11.07 17.83 -8.48
N SER A 269 11.10 16.51 -8.62
CA SER A 269 9.95 15.68 -8.26
C SER A 269 10.34 14.83 -7.06
N VAL A 270 9.89 15.26 -5.87
CA VAL A 270 10.23 14.57 -4.64
C VAL A 270 9.26 13.42 -4.38
N LEU A 271 9.81 12.21 -4.31
CA LEU A 271 9.05 11.01 -4.00
C LEU A 271 9.69 10.37 -2.78
N ASP A 272 9.29 10.82 -1.59
CA ASP A 272 9.84 10.29 -0.35
C ASP A 272 9.51 8.81 -0.23
N TYR A 273 10.51 7.95 -0.02
CA TYR A 273 10.27 6.50 -0.07
C TYR A 273 9.36 6.03 1.07
N ILE A 274 9.38 6.69 2.21
CA ILE A 274 8.44 6.33 3.28
C ILE A 274 6.98 6.48 2.82
N ASP A 275 6.68 7.52 2.03
CA ASP A 275 5.32 7.75 1.55
C ASP A 275 4.98 6.81 0.39
N LEU A 276 5.97 6.52 -0.47
CA LEU A 276 5.78 5.50 -1.49
C LEU A 276 5.39 4.18 -0.83
N TYR A 277 6.16 3.80 0.19
CA TYR A 277 5.92 2.57 0.94
C TYR A 277 4.54 2.53 1.57
N LYS A 278 4.14 3.60 2.24
CA LYS A 278 2.83 3.62 2.89
C LYS A 278 1.68 3.48 1.89
N LYS A 279 1.79 4.14 0.75
CA LYS A 279 0.71 4.12 -0.23
C LYS A 279 0.62 2.79 -0.98
N PHE A 280 1.77 2.22 -1.34
CA PHE A 280 1.83 1.13 -2.32
C PHE A 280 2.21 -0.24 -1.77
N SER A 281 2.66 -0.34 -0.52
CA SER A 281 3.15 -1.61 0.02
C SER A 281 2.05 -2.55 0.54
N PHE A 282 0.88 -1.98 0.86
CA PHE A 282 -0.20 -2.72 1.51
C PHE A 282 0.25 -3.48 2.75
N THR A 283 0.91 -2.72 3.62
CA THR A 283 1.27 -3.18 4.93
C THR A 283 0.77 -2.13 5.91
N ASN A 284 0.68 -2.51 7.17
CA ASN A 284 0.58 -1.55 8.26
C ASN A 284 1.59 -2.02 9.29
N GLN A 285 2.60 -1.19 9.54
CA GLN A 285 3.76 -1.61 10.31
C GLN A 285 3.72 -1.02 11.71
N PRO A 286 4.22 -1.76 12.72
CA PRO A 286 4.35 -1.19 14.06
C PRO A 286 5.26 0.03 14.14
N SER A 287 6.26 0.09 13.25
CA SER A 287 7.22 1.17 13.18
C SER A 287 7.63 1.41 11.73
N TYR A 288 7.95 2.66 11.41
CA TYR A 288 8.45 3.04 10.09
C TYR A 288 9.88 3.61 10.12
N SER A 289 10.66 3.20 11.10
CA SER A 289 12.10 3.49 11.07
C SER A 289 12.70 2.66 9.93
N LEU A 290 13.72 3.20 9.28
CA LEU A 290 14.37 2.53 8.17
C LEU A 290 14.91 1.18 8.61
N ASP A 291 15.42 1.12 9.84
CA ASP A 291 15.94 -0.11 10.42
C ASP A 291 14.86 -1.20 10.46
N TYR A 292 13.68 -0.82 10.91
CA TYR A 292 12.58 -1.76 11.07
C TYR A 292 12.07 -2.25 9.71
N ILE A 293 11.94 -1.33 8.75
CA ILE A 293 11.41 -1.70 7.44
C ILE A 293 12.43 -2.52 6.64
N SER A 294 13.69 -2.13 6.72
CA SER A 294 14.78 -2.89 6.09
C SER A 294 14.81 -4.34 6.60
N GLU A 295 14.64 -4.51 7.91
CA GLU A 295 14.61 -5.85 8.50
C GLU A 295 13.45 -6.67 7.94
N PHE A 296 12.27 -6.04 7.91
CA PHE A 296 11.07 -6.70 7.44
C PHE A 296 11.18 -7.08 5.96
N GLU A 297 11.65 -6.15 5.14
CA GLU A 297 11.64 -6.35 3.69
C GLU A 297 12.79 -7.22 3.20
N LEU A 298 13.95 -7.07 3.83
CA LEU A 298 15.20 -7.63 3.29
C LEU A 298 15.84 -8.69 4.16
N ASN A 299 15.36 -8.83 5.39
CA ASN A 299 15.96 -9.75 6.36
C ASN A 299 17.42 -9.40 6.70
N VAL A 300 17.74 -8.11 6.76
CA VAL A 300 19.06 -7.64 7.18
C VAL A 300 19.01 -7.29 8.66
N GLY A 301 20.16 -7.43 9.33
CA GLY A 301 20.25 -7.16 10.75
C GLY A 301 20.26 -5.68 11.06
N LYS A 302 19.86 -5.34 12.28
CA LYS A 302 19.89 -3.95 12.76
C LYS A 302 21.32 -3.38 12.71
N LEU A 303 21.43 -2.12 12.30
CA LEU A 303 22.70 -1.41 12.31
C LEU A 303 23.06 -1.02 13.75
N LYS A 304 23.91 -1.84 14.37
CA LYS A 304 24.16 -1.76 15.81
C LYS A 304 25.31 -0.81 16.19
N TYR A 305 25.13 -0.09 17.30
CA TYR A 305 26.20 0.71 17.89
C TYR A 305 25.99 0.90 19.38
N ASP A 306 27.05 1.34 20.07
CA ASP A 306 27.00 1.66 21.49
C ASP A 306 26.67 3.13 21.71
N GLY A 307 25.97 3.43 22.79
CA GLY A 307 25.65 4.79 23.16
C GLY A 307 24.60 5.43 22.26
N PRO A 308 24.14 6.63 22.63
CA PRO A 308 23.12 7.32 21.84
C PRO A 308 23.69 7.88 20.55
N ILE A 309 22.83 8.09 19.56
CA ILE A 309 23.24 8.61 18.27
C ILE A 309 23.91 9.98 18.44
N SER A 310 23.47 10.74 19.44
CA SER A 310 24.03 12.07 19.70
C SER A 310 25.52 12.06 20.08
N LYS A 311 26.05 10.90 20.45
CA LYS A 311 27.47 10.77 20.75
C LYS A 311 28.20 9.82 19.80
N LEU A 312 27.51 9.32 18.77
CA LEU A 312 28.10 8.35 17.84
C LEU A 312 29.24 8.93 17.02
N ARG A 313 29.04 10.15 16.51
CA ARG A 313 30.06 10.78 15.68
C ARG A 313 31.39 10.92 16.43
N GLU A 314 31.35 11.42 17.67
CA GLU A 314 32.60 11.65 18.40
C GLU A 314 33.21 10.36 18.97
N SER A 315 32.38 9.40 19.32
CA SER A 315 32.89 8.13 19.84
C SER A 315 33.36 7.20 18.72
N ASN A 316 32.66 7.19 17.58
CA ASN A 316 32.99 6.26 16.48
C ASN A 316 32.53 6.81 15.14
N HIS A 317 33.18 7.90 14.73
CA HIS A 317 32.95 8.56 13.42
C HIS A 317 33.06 7.58 12.23
N GLN A 318 33.99 6.63 12.31
CA GLN A 318 34.14 5.60 11.29
C GLN A 318 32.81 4.89 11.03
N ARG A 319 32.17 4.42 12.09
CA ARG A 319 30.86 3.75 12.00
C ARG A 319 29.72 4.71 11.66
N TYR A 320 29.85 5.94 12.16
CA TYR A 320 28.89 7.01 11.88
C TYR A 320 28.70 7.18 10.39
N ILE A 321 29.82 7.33 9.67
CA ILE A 321 29.80 7.50 8.22
C ILE A 321 29.37 6.22 7.50
N SER A 322 29.90 5.07 7.92
CA SER A 322 29.52 3.80 7.29
C SER A 322 28.00 3.57 7.36
N TYR A 323 27.39 3.89 8.49
CA TYR A 323 25.95 3.70 8.67
C TYR A 323 25.11 4.70 7.87
N ASN A 324 25.66 5.88 7.61
CA ASN A 324 25.04 6.86 6.69
C ASN A 324 25.02 6.31 5.26
N ILE A 325 26.14 5.72 4.84
CA ILE A 325 26.23 5.10 3.52
C ILE A 325 25.25 3.92 3.39
N ILE A 326 25.25 3.03 4.37
CA ILE A 326 24.39 1.83 4.33
C ILE A 326 22.90 2.21 4.33
N ALA A 327 22.54 3.23 5.10
CA ALA A 327 21.17 3.73 5.15
C ALA A 327 20.68 4.10 3.74
N VAL A 328 21.52 4.76 2.97
CA VAL A 328 21.16 5.13 1.59
C VAL A 328 20.96 3.88 0.73
N TYR A 329 21.90 2.93 0.82
CA TYR A 329 21.82 1.68 0.08
C TYR A 329 20.59 0.86 0.47
N ARG A 330 20.20 0.88 1.75
CA ARG A 330 19.02 0.15 2.19
C ARG A 330 17.79 0.55 1.37
N VAL A 331 17.61 1.84 1.12
CA VAL A 331 16.46 2.31 0.33
C VAL A 331 16.52 1.79 -1.12
N LEU A 332 17.70 1.83 -1.74
CA LEU A 332 17.87 1.27 -3.08
C LEU A 332 17.55 -0.24 -3.11
N GLN A 333 17.90 -0.95 -2.02
CA GLN A 333 17.63 -2.38 -1.93
C GLN A 333 16.14 -2.66 -1.80
N ILE A 334 15.44 -1.83 -1.02
CA ILE A 334 13.98 -1.97 -0.90
C ILE A 334 13.31 -1.70 -2.26
N ASP A 335 13.77 -0.67 -2.98
CA ASP A 335 13.21 -0.37 -4.28
C ASP A 335 13.50 -1.44 -5.32
N ALA A 336 14.68 -2.04 -5.28
CA ALA A 336 15.00 -3.16 -6.18
C ALA A 336 13.97 -4.27 -6.02
N LYS A 337 13.61 -4.56 -4.78
CA LYS A 337 12.56 -5.55 -4.49
C LYS A 337 11.15 -5.04 -4.89
N ARG A 338 10.73 -3.94 -4.26
CA ARG A 338 9.35 -3.44 -4.35
C ARG A 338 8.99 -2.70 -5.64
N GLN A 339 9.95 -1.95 -6.17
CA GLN A 339 9.84 -1.30 -7.49
C GLN A 339 8.78 -0.18 -7.54
N PHE A 340 8.72 0.61 -6.49
CA PHE A 340 7.78 1.72 -6.40
C PHE A 340 8.17 2.92 -7.25
N ILE A 341 9.48 3.14 -7.46
CA ILE A 341 9.92 4.20 -8.39
C ILE A 341 9.46 3.87 -9.82
N ASN A 342 9.72 2.63 -10.23
CA ASN A 342 9.24 2.12 -11.52
C ASN A 342 7.74 2.29 -11.70
N LEU A 343 6.99 1.86 -10.69
CA LEU A 343 5.54 2.07 -10.66
C LEU A 343 5.17 3.54 -10.86
N SER A 344 5.81 4.43 -10.11
CA SER A 344 5.51 5.86 -10.18
C SER A 344 5.78 6.46 -11.55
N LEU A 345 6.89 6.06 -12.15
CA LEU A 345 7.24 6.53 -13.49
C LEU A 345 6.21 6.04 -14.52
N ASP A 346 5.84 4.76 -14.47
CA ASP A 346 4.80 4.19 -15.34
C ASP A 346 3.49 4.99 -15.27
N MET A 347 2.97 5.18 -14.05
CA MET A 347 1.68 5.84 -13.84
C MET A 347 1.72 7.30 -14.24
N GLY A 348 2.80 7.99 -13.82
CA GLY A 348 2.97 9.40 -14.10
C GLY A 348 3.01 9.72 -15.58
N TYR A 349 3.81 8.96 -16.34
CA TYR A 349 3.92 9.19 -17.78
C TYR A 349 2.65 8.77 -18.54
N TYR A 350 2.01 7.69 -18.10
CA TYR A 350 0.73 7.27 -18.68
C TYR A 350 -0.29 8.41 -18.58
N ALA A 351 -0.42 9.00 -17.39
CA ALA A 351 -1.40 10.07 -17.14
C ALA A 351 -1.00 11.44 -17.69
N LYS A 352 0.29 11.64 -17.96
CA LYS A 352 0.86 12.95 -18.33
C LYS A 352 0.69 13.97 -17.20
N ILE A 353 1.25 13.62 -16.05
CA ILE A 353 1.25 14.44 -14.86
C ILE A 353 2.67 14.57 -14.33
N GLN A 354 2.88 15.56 -13.46
CA GLN A 354 4.07 15.61 -12.62
C GLN A 354 4.17 14.29 -11.88
N ILE A 355 5.37 13.71 -11.85
CA ILE A 355 5.51 12.35 -11.30
C ILE A 355 5.07 12.29 -9.83
N GLN A 356 5.33 13.37 -9.08
CA GLN A 356 4.95 13.39 -7.66
C GLN A 356 3.43 13.36 -7.46
N SER A 357 2.67 13.61 -8.52
CA SER A 357 1.21 13.55 -8.42
C SER A 357 0.63 12.13 -8.37
N VAL A 358 1.48 11.10 -8.48
CA VAL A 358 0.98 9.71 -8.39
C VAL A 358 0.39 9.40 -7.00
N PHE A 359 0.74 10.19 -5.98
CA PHE A 359 0.10 10.04 -4.66
C PHE A 359 -1.40 10.40 -4.68
N SER A 360 -1.81 11.20 -5.65
CA SER A 360 -3.22 11.63 -5.75
C SER A 360 -3.93 10.94 -6.92
N PRO A 361 -4.78 9.93 -6.62
CA PRO A 361 -5.56 9.35 -7.71
C PRO A 361 -6.52 10.35 -8.36
N ILE A 362 -6.95 11.38 -7.63
CA ILE A 362 -7.82 12.41 -8.22
C ILE A 362 -7.11 13.19 -9.34
N LYS A 363 -5.90 13.69 -9.05
CA LYS A 363 -5.08 14.36 -10.07
C LYS A 363 -4.72 13.43 -11.24
N THR A 364 -4.39 12.19 -10.92
CA THR A 364 -4.02 11.19 -11.92
C THR A 364 -5.18 10.95 -12.89
N TRP A 365 -6.35 10.71 -12.36
CA TRP A 365 -7.52 10.44 -13.20
C TRP A 365 -8.06 11.68 -13.90
N ASP A 366 -7.90 12.85 -13.28
CA ASP A 366 -8.30 14.09 -13.96
C ASP A 366 -7.47 14.27 -15.24
N ALA A 367 -6.18 14.00 -15.16
CA ALA A 367 -5.28 14.11 -16.31
C ALA A 367 -5.55 13.04 -17.37
N ILE A 368 -5.78 11.80 -16.96
CA ILE A 368 -6.13 10.73 -17.93
C ILE A 368 -7.42 11.07 -18.69
N ILE A 369 -8.45 11.49 -17.97
CA ILE A 369 -9.76 11.75 -18.58
C ILE A 369 -9.72 12.99 -19.48
N PHE A 370 -9.02 14.03 -19.05
CA PHE A 370 -8.78 15.23 -19.86
C PHE A 370 -8.08 14.92 -21.19
N ASN A 371 -7.00 14.15 -21.14
CA ASN A 371 -6.28 13.76 -22.36
C ASN A 371 -7.13 12.91 -23.29
N SER A 372 -7.93 12.02 -22.71
CA SER A 372 -8.83 11.17 -23.48
C SER A 372 -9.87 11.98 -24.23
N LEU A 373 -10.49 12.94 -23.53
CA LEU A 373 -11.55 13.77 -24.11
C LEU A 373 -10.99 14.79 -25.12
N LYS A 374 -9.82 15.32 -24.83
CA LYS A 374 -9.15 16.28 -25.71
C LYS A 374 -8.88 15.69 -27.09
N GLU A 375 -8.53 14.41 -27.14
CA GLU A 375 -8.37 13.67 -28.41
C GLU A 375 -9.60 13.72 -29.33
N GLN A 376 -10.78 13.87 -28.72
CA GLN A 376 -12.04 13.95 -29.47
C GLN A 376 -12.57 15.39 -29.53
N ASN A 377 -11.71 16.37 -29.29
CA ASN A 377 -12.09 17.79 -29.24
C ASN A 377 -13.23 18.08 -28.26
N LYS A 378 -13.36 17.26 -27.23
CA LYS A 378 -14.35 17.50 -26.20
C LYS A 378 -13.71 18.31 -25.08
N VAL A 379 -14.57 18.97 -24.32
CA VAL A 379 -14.16 19.97 -23.35
C VAL A 379 -14.63 19.58 -21.95
N ILE A 380 -13.72 19.60 -20.98
CA ILE A 380 -14.03 19.12 -19.64
C ILE A 380 -14.79 20.18 -18.85
N PRO A 381 -15.63 19.73 -17.89
CA PRO A 381 -16.44 20.68 -17.09
C PRO A 381 -15.63 21.39 -16.03
N GLN A 382 -16.13 22.52 -15.56
CA GLN A 382 -15.48 23.20 -14.44
C GLN A 382 -15.68 22.38 -13.18
N GLY A 383 -14.67 22.40 -12.31
CA GLY A 383 -14.80 21.83 -10.97
C GLY A 383 -15.75 22.68 -10.13
N ARG A 384 -16.49 22.04 -9.23
CA ARG A 384 -17.46 22.75 -8.40
C ARG A 384 -17.31 22.39 -6.92
N SER A 385 -17.84 23.25 -6.06
CA SER A 385 -17.85 23.02 -4.63
C SER A 385 -19.02 22.10 -4.27
N HIS A 386 -18.76 21.10 -3.44
CA HIS A 386 -19.85 20.26 -2.91
C HIS A 386 -19.63 20.01 -1.43
N PRO A 387 -20.72 19.99 -0.64
CA PRO A 387 -20.61 19.61 0.76
C PRO A 387 -20.38 18.09 0.90
N VAL A 388 -19.60 17.70 1.90
CA VAL A 388 -19.32 16.29 2.12
C VAL A 388 -20.57 15.60 2.66
N GLN A 389 -20.97 14.51 2.01
CA GLN A 389 -22.18 13.78 2.36
C GLN A 389 -21.91 12.28 2.40
N PRO A 390 -22.46 11.58 3.42
CA PRO A 390 -22.31 10.12 3.45
C PRO A 390 -23.12 9.43 2.34
N TYR A 391 -22.69 8.24 1.96
CA TYR A 391 -23.45 7.42 1.01
C TYR A 391 -23.17 5.94 1.27
N PRO A 392 -24.12 5.05 0.90
CA PRO A 392 -24.05 3.64 1.27
C PRO A 392 -23.05 2.82 0.45
N GLY A 393 -22.57 1.74 1.06
CA GLY A 393 -21.49 0.94 0.50
C GLY A 393 -21.88 -0.51 0.27
N ALA A 394 -20.96 -1.41 0.58
CA ALA A 394 -21.13 -2.82 0.27
C ALA A 394 -22.05 -3.56 1.25
N PHE A 395 -22.57 -4.70 0.81
CA PHE A 395 -23.28 -5.63 1.68
C PHE A 395 -22.31 -6.65 2.25
N VAL A 396 -22.46 -6.91 3.55
CA VAL A 396 -21.66 -7.93 4.23
C VAL A 396 -22.64 -8.85 4.98
N LYS A 397 -22.60 -10.15 4.65
CA LYS A 397 -23.50 -11.13 5.25
C LYS A 397 -23.03 -11.50 6.67
N GLU A 398 -23.99 -11.60 7.59
CA GLU A 398 -23.72 -12.04 8.96
C GLU A 398 -23.57 -13.56 8.98
N PRO A 399 -22.35 -14.05 9.27
CA PRO A 399 -22.19 -15.51 9.30
C PRO A 399 -22.64 -16.10 10.63
N ILE A 400 -23.01 -17.37 10.62
CA ILE A 400 -23.27 -18.10 11.86
C ILE A 400 -21.90 -18.52 12.40
N PRO A 401 -21.53 -18.03 13.60
CA PRO A 401 -20.23 -18.40 14.13
C PRO A 401 -20.13 -19.91 14.29
N ASN A 402 -19.09 -20.51 13.73
CA ASN A 402 -18.99 -21.97 13.73
C ASN A 402 -17.70 -22.39 13.12
N ARG A 403 -17.39 -23.68 13.25
CA ARG A 403 -16.38 -24.31 12.42
C ARG A 403 -17.05 -24.61 11.08
N TYR A 404 -16.24 -24.64 10.03
CA TYR A 404 -16.69 -24.98 8.68
C TYR A 404 -15.59 -25.83 8.03
N LYS A 405 -15.93 -27.07 7.70
CA LYS A 405 -14.95 -28.10 7.34
C LYS A 405 -14.40 -27.94 5.92
N TYR A 406 -15.29 -28.01 4.92
CA TYR A 406 -14.91 -27.86 3.51
C TYR A 406 -15.51 -26.58 2.96
N VAL A 407 -14.66 -25.69 2.44
CA VAL A 407 -15.13 -24.43 1.87
C VAL A 407 -14.54 -24.16 0.48
N MET A 408 -15.38 -23.64 -0.41
CA MET A 408 -14.93 -23.11 -1.69
C MET A 408 -15.41 -21.69 -1.81
N SER A 409 -14.51 -20.79 -2.20
CA SER A 409 -14.83 -19.38 -2.30
C SER A 409 -14.75 -18.91 -3.75
N PHE A 410 -15.60 -17.95 -4.09
CA PHE A 410 -15.58 -17.29 -5.39
C PHE A 410 -15.69 -15.79 -5.17
N ASP A 411 -15.11 -14.99 -6.05
CA ASP A 411 -15.40 -13.55 -6.04
C ASP A 411 -15.17 -12.86 -7.40
N LEU A 412 -15.82 -11.71 -7.58
CA LEU A 412 -15.76 -11.00 -8.85
C LEU A 412 -14.36 -10.49 -9.13
N THR A 413 -13.91 -10.70 -10.36
CA THR A 413 -12.74 -10.03 -10.88
C THR A 413 -13.03 -8.53 -10.96
N SER A 414 -12.13 -7.72 -10.40
CA SER A 414 -12.25 -6.27 -10.37
C SER A 414 -13.70 -5.82 -10.27
N GLY A 415 -14.30 -6.04 -9.11
CA GLY A 415 -15.74 -5.92 -8.94
C GLY A 415 -16.34 -4.58 -9.34
N TYR A 416 -15.90 -3.51 -8.69
CA TYR A 416 -16.51 -2.20 -8.95
C TYR A 416 -16.17 -1.64 -10.34
N PRO A 417 -14.91 -1.81 -10.81
CA PRO A 417 -14.62 -1.43 -12.20
C PRO A 417 -15.42 -2.21 -13.22
N SER A 418 -15.68 -3.50 -12.97
CA SER A 418 -16.49 -4.30 -13.86
C SER A 418 -17.94 -3.85 -13.86
N ILE A 419 -18.45 -3.42 -12.70
CA ILE A 419 -19.79 -2.82 -12.62
C ILE A 419 -19.89 -1.54 -13.45
N ILE A 420 -18.90 -0.67 -13.31
CA ILE A 420 -18.80 0.55 -14.11
C ILE A 420 -18.87 0.24 -15.61
N ARG A 421 -18.09 -0.74 -16.04
CA ARG A 421 -18.04 -1.12 -17.44
C ARG A 421 -19.35 -1.75 -17.91
N GLN A 422 -19.93 -2.63 -17.10
CA GLN A 422 -21.15 -3.35 -17.47
C GLN A 422 -22.37 -2.42 -17.58
N VAL A 423 -22.52 -1.55 -16.59
CA VAL A 423 -23.67 -0.65 -16.54
C VAL A 423 -23.46 0.59 -17.42
N ASN A 424 -22.20 0.92 -17.69
CA ASN A 424 -21.77 2.08 -18.46
C ASN A 424 -21.93 3.38 -17.66
N ILE A 425 -21.35 3.37 -16.45
CA ILE A 425 -21.50 4.46 -15.49
C ILE A 425 -20.45 5.53 -15.71
N SER A 426 -20.89 6.72 -16.12
CA SER A 426 -19.99 7.82 -16.47
C SER A 426 -20.76 9.15 -16.33
N PRO A 427 -20.03 10.27 -16.14
CA PRO A 427 -20.76 11.54 -16.00
C PRO A 427 -21.67 11.86 -17.18
N GLU A 428 -21.20 11.55 -18.39
CA GLU A 428 -21.91 11.95 -19.61
C GLU A 428 -22.85 10.88 -20.15
N THR A 429 -22.95 9.73 -19.47
CA THR A 429 -23.85 8.66 -19.92
C THR A 429 -25.15 8.57 -19.13
N ILE A 430 -25.33 9.43 -18.13
CA ILE A 430 -26.57 9.44 -17.35
C ILE A 430 -27.74 9.74 -18.30
N ALA A 431 -28.71 8.83 -18.34
CA ALA A 431 -29.86 8.94 -19.24
C ALA A 431 -31.14 9.36 -18.52
N GLY A 432 -31.20 9.18 -17.21
CA GLY A 432 -32.40 9.51 -16.43
C GLY A 432 -32.56 8.64 -15.20
N THR A 433 -33.77 8.55 -14.68
CA THR A 433 -34.06 7.73 -13.51
C THR A 433 -35.29 6.85 -13.72
N PHE A 434 -35.46 5.85 -12.86
CA PHE A 434 -36.68 5.04 -12.85
C PHE A 434 -37.09 4.87 -11.39
N LYS A 435 -38.35 4.49 -11.18
CA LYS A 435 -38.90 4.38 -9.83
C LYS A 435 -38.46 3.08 -9.18
N VAL A 436 -37.77 3.19 -8.04
CA VAL A 436 -37.08 2.05 -7.45
C VAL A 436 -37.98 1.24 -6.52
N ALA A 437 -37.85 -0.07 -6.61
CA ALA A 437 -38.48 -1.00 -5.68
C ALA A 437 -37.46 -1.34 -4.58
N PRO A 438 -37.95 -1.83 -3.42
CA PRO A 438 -37.03 -2.32 -2.40
C PRO A 438 -35.97 -3.25 -2.99
N LEU A 439 -34.75 -3.14 -2.49
CA LEU A 439 -33.62 -3.87 -3.04
C LEU A 439 -33.88 -5.37 -3.14
N HIS A 440 -34.55 -5.93 -2.13
CA HIS A 440 -34.84 -7.38 -2.13
C HIS A 440 -35.74 -7.84 -3.27
N ASP A 441 -36.56 -6.95 -3.81
CA ASP A 441 -37.43 -7.31 -4.95
C ASP A 441 -36.60 -7.52 -6.22
N TYR A 442 -35.51 -6.78 -6.37
CA TYR A 442 -34.59 -7.01 -7.49
C TYR A 442 -33.78 -8.28 -7.25
N ILE A 443 -33.28 -8.45 -6.03
CA ILE A 443 -32.49 -9.63 -5.65
C ILE A 443 -33.28 -10.92 -5.94
N ASN A 444 -34.57 -10.88 -5.65
CA ASN A 444 -35.46 -12.02 -5.88
C ASN A 444 -36.20 -11.98 -7.22
N ALA A 445 -35.85 -11.03 -8.08
CA ALA A 445 -36.35 -10.99 -9.45
C ALA A 445 -37.87 -10.84 -9.53
N VAL A 446 -38.46 -10.15 -8.56
CA VAL A 446 -39.91 -9.90 -8.54
C VAL A 446 -40.28 -8.46 -8.86
N ALA A 447 -39.31 -7.56 -8.84
CA ALA A 447 -39.57 -6.17 -9.19
C ALA A 447 -39.76 -6.04 -10.69
N GLU A 448 -40.49 -5.01 -11.10
CA GLU A 448 -40.66 -4.66 -12.52
C GLU A 448 -39.30 -4.36 -13.15
N ARG A 449 -39.14 -4.77 -14.40
CA ARG A 449 -37.91 -4.52 -15.16
C ARG A 449 -37.72 -3.00 -15.25
N PRO A 450 -36.57 -2.48 -14.79
CA PRO A 450 -36.36 -1.02 -14.77
C PRO A 450 -36.54 -0.28 -16.12
N SER A 451 -35.99 -0.82 -17.21
CA SER A 451 -36.05 -0.15 -18.50
C SER A 451 -35.86 -1.11 -19.69
N ASP A 452 -36.50 -0.75 -20.80
CA ASP A 452 -36.33 -1.47 -22.07
C ASP A 452 -35.49 -0.66 -23.07
N VAL A 453 -34.87 0.40 -22.59
CA VAL A 453 -34.05 1.26 -23.45
C VAL A 453 -32.63 1.43 -22.90
N TYR A 454 -32.53 1.67 -21.60
CA TYR A 454 -31.29 2.08 -20.95
C TYR A 454 -30.77 1.03 -19.98
N SER A 455 -29.48 1.16 -19.63
CA SER A 455 -28.77 0.24 -18.74
C SER A 455 -28.92 0.72 -17.30
N CYS A 456 -29.35 -0.17 -16.40
CA CYS A 456 -29.76 0.27 -15.07
C CYS A 456 -28.97 -0.28 -13.88
N SER A 457 -28.95 0.54 -12.83
CA SER A 457 -28.54 0.12 -11.51
C SER A 457 -29.76 0.19 -10.58
N PRO A 458 -29.86 -0.74 -9.61
CA PRO A 458 -30.98 -0.75 -8.66
C PRO A 458 -31.13 0.47 -7.73
N ASN A 459 -30.22 1.45 -7.82
CA ASN A 459 -30.42 2.71 -7.08
C ASN A 459 -31.32 3.70 -7.82
N GLY A 460 -31.80 3.33 -9.01
CA GLY A 460 -32.72 4.17 -9.80
C GLY A 460 -32.10 4.87 -11.00
N MET A 461 -30.80 4.71 -11.21
CA MET A 461 -30.12 5.41 -12.31
C MET A 461 -30.18 4.60 -13.59
N MET A 462 -30.32 5.33 -14.71
CA MET A 462 -30.33 4.76 -16.06
C MET A 462 -29.21 5.38 -16.88
N TYR A 463 -28.58 4.58 -17.73
CA TYR A 463 -27.44 5.05 -18.53
C TYR A 463 -27.58 4.70 -20.02
N TYR A 464 -26.98 5.52 -20.89
CA TYR A 464 -27.03 5.27 -22.34
C TYR A 464 -26.33 3.95 -22.69
N LYS A 465 -26.81 3.30 -23.74
CA LYS A 465 -26.24 2.03 -24.21
C LYS A 465 -25.57 2.12 -25.58
N ASP A 466 -25.64 3.28 -26.22
CA ASP A 466 -25.20 3.40 -27.61
C ASP A 466 -23.70 3.59 -27.75
N ARG A 467 -23.03 4.01 -26.68
CA ARG A 467 -21.58 4.19 -26.70
C ARG A 467 -21.03 4.22 -25.30
N ASP A 468 -19.77 3.83 -25.16
CA ASP A 468 -19.11 3.79 -23.86
C ASP A 468 -18.82 5.21 -23.36
N GLY A 469 -19.08 5.44 -22.09
CA GLY A 469 -18.61 6.66 -21.43
C GLY A 469 -17.09 6.69 -21.29
N VAL A 470 -16.55 7.87 -21.01
CA VAL A 470 -15.10 8.07 -20.88
C VAL A 470 -14.51 7.34 -19.66
N VAL A 471 -15.31 7.22 -18.59
CA VAL A 471 -14.87 6.48 -17.40
C VAL A 471 -14.76 4.96 -17.67
N PRO A 472 -15.82 4.34 -18.23
CA PRO A 472 -15.65 2.94 -18.64
C PRO A 472 -14.50 2.71 -19.62
N THR A 473 -14.34 3.61 -20.58
CA THR A 473 -13.30 3.45 -21.59
C THR A 473 -11.89 3.49 -20.98
N GLU A 474 -11.66 4.46 -20.09
CA GLU A 474 -10.34 4.62 -19.50
C GLU A 474 -10.06 3.63 -18.39
N ILE A 475 -11.09 3.28 -17.62
CA ILE A 475 -10.92 2.30 -16.55
C ILE A 475 -10.57 0.93 -17.15
N THR A 476 -11.14 0.62 -18.33
CA THR A 476 -10.85 -0.64 -19.05
C THR A 476 -9.37 -0.76 -19.43
N LYS A 477 -8.77 0.35 -19.88
CA LYS A 477 -7.37 0.33 -20.31
C LYS A 477 -6.42 -0.04 -19.16
N VAL A 478 -6.62 0.59 -18.00
CA VAL A 478 -5.80 0.29 -16.82
C VAL A 478 -6.13 -1.08 -16.26
N PHE A 479 -7.40 -1.47 -16.32
CA PHE A 479 -7.80 -2.83 -15.93
C PHE A 479 -7.05 -3.89 -16.74
N ASN A 480 -6.94 -3.68 -18.04
CA ASN A 480 -6.23 -4.63 -18.91
C ASN A 480 -4.74 -4.71 -18.61
N GLN A 481 -4.12 -3.59 -18.26
CA GLN A 481 -2.73 -3.59 -17.78
C GLN A 481 -2.61 -4.38 -16.49
N ARG A 482 -3.54 -4.15 -15.55
CA ARG A 482 -3.58 -4.91 -14.30
C ARG A 482 -3.61 -6.43 -14.54
N LYS A 483 -4.45 -6.84 -15.48
CA LYS A 483 -4.67 -8.25 -15.80
C LYS A 483 -3.38 -8.93 -16.30
N GLU A 484 -2.63 -8.21 -17.13
CA GLU A 484 -1.35 -8.70 -17.65
C GLU A 484 -0.35 -8.98 -16.51
N HIS A 485 -0.21 -8.02 -15.61
CA HIS A 485 0.75 -8.14 -14.51
C HIS A 485 0.35 -9.15 -13.46
N LYS A 486 -0.95 -9.30 -13.24
CA LYS A 486 -1.43 -10.33 -12.32
C LYS A 486 -1.10 -11.71 -12.87
N GLY A 487 -1.17 -11.87 -14.19
CA GLY A 487 -0.79 -13.13 -14.84
C GLY A 487 0.68 -13.46 -14.61
N TYR A 488 1.55 -12.47 -14.72
CA TYR A 488 2.97 -12.66 -14.45
C TYR A 488 3.18 -13.03 -12.99
N MET A 489 2.48 -12.36 -12.09
CA MET A 489 2.61 -12.62 -10.66
C MET A 489 2.21 -14.05 -10.30
N LEU A 490 1.07 -14.49 -10.82
CA LEU A 490 0.56 -15.82 -10.52
C LEU A 490 1.41 -16.94 -11.13
N ALA A 491 1.93 -16.73 -12.34
CA ALA A 491 2.90 -17.69 -12.90
C ALA A 491 4.13 -17.81 -12.00
N ALA A 492 4.67 -16.68 -11.55
CA ALA A 492 5.84 -16.68 -10.64
C ALA A 492 5.53 -17.42 -9.36
N GLN A 493 4.30 -17.28 -8.89
CA GLN A 493 3.84 -17.94 -7.69
C GLN A 493 3.77 -19.45 -7.95
N ARG A 494 3.20 -19.85 -9.09
CA ARG A 494 3.11 -21.28 -9.41
C ARG A 494 4.52 -21.88 -9.58
N ASN A 495 5.40 -21.17 -10.28
CA ASN A 495 6.79 -21.60 -10.46
C ASN A 495 7.51 -21.79 -9.13
N GLY A 496 7.30 -20.87 -8.20
CA GLY A 496 7.80 -21.00 -6.82
C GLY A 496 7.41 -22.32 -6.16
N GLU A 497 6.17 -22.76 -6.34
CA GLU A 497 5.71 -24.01 -5.74
C GLU A 497 6.39 -25.23 -6.37
N ILE A 498 6.70 -25.15 -7.66
CA ILE A 498 7.45 -26.21 -8.34
C ILE A 498 8.84 -26.37 -7.69
N ILE A 499 9.49 -25.25 -7.38
CA ILE A 499 10.81 -25.26 -6.75
C ILE A 499 10.76 -25.81 -5.33
N LYS A 500 9.74 -25.41 -4.56
CA LYS A 500 9.53 -25.96 -3.23
C LYS A 500 9.32 -27.48 -3.22
N GLU A 501 8.54 -28.00 -4.17
CA GLU A 501 8.37 -29.44 -4.29
C GLU A 501 9.73 -30.10 -4.48
N ALA A 502 10.49 -29.61 -5.46
CA ALA A 502 11.78 -30.19 -5.83
C ALA A 502 12.82 -30.10 -4.72
N LEU A 503 12.71 -29.09 -3.86
CA LEU A 503 13.56 -29.00 -2.66
C LEU A 503 13.38 -30.15 -1.68
N HIS A 504 12.32 -30.96 -1.83
CA HIS A 504 12.18 -32.17 -0.99
C HIS A 504 13.28 -33.18 -1.31
N ASN A 505 13.67 -33.23 -2.58
CA ASN A 505 14.69 -34.16 -3.06
C ASN A 505 15.81 -33.44 -3.82
N PRO A 506 16.63 -32.66 -3.09
CA PRO A 506 17.73 -31.94 -3.72
C PRO A 506 18.88 -32.88 -4.07
N ASN A 507 19.48 -32.68 -5.24
CA ASN A 507 20.56 -33.55 -5.69
C ASN A 507 21.91 -33.10 -5.16
N LEU A 508 22.75 -34.07 -4.80
CA LEU A 508 24.07 -33.79 -4.27
C LEU A 508 25.03 -33.54 -5.42
N SER A 509 25.21 -32.27 -5.77
CA SER A 509 26.00 -31.89 -6.92
C SER A 509 26.32 -30.40 -6.90
N VAL A 510 27.26 -30.00 -7.74
CA VAL A 510 27.58 -28.59 -7.93
C VAL A 510 27.04 -28.19 -9.29
N ASP A 511 26.27 -27.10 -9.32
CA ASP A 511 25.57 -26.66 -10.53
C ASP A 511 25.11 -25.21 -10.38
N GLU A 512 24.47 -24.70 -11.43
CA GLU A 512 24.01 -23.31 -11.43
C GLU A 512 22.48 -23.21 -11.47
N PRO A 513 21.92 -22.07 -10.99
CA PRO A 513 20.50 -21.81 -11.26
C PRO A 513 20.26 -21.66 -12.76
N LEU A 514 19.12 -22.15 -13.24
CA LEU A 514 18.72 -21.98 -14.63
C LEU A 514 18.42 -20.52 -14.92
N ASP A 515 18.80 -20.04 -16.11
CA ASP A 515 18.47 -18.69 -16.53
C ASP A 515 17.08 -18.69 -17.16
N VAL A 516 16.06 -18.35 -16.38
CA VAL A 516 14.66 -18.46 -16.82
C VAL A 516 13.86 -17.19 -16.55
N ASP A 517 12.77 -17.00 -17.30
CA ASP A 517 11.80 -15.93 -17.04
C ASP A 517 10.67 -16.47 -16.15
N TYR A 518 10.68 -16.07 -14.88
CA TYR A 518 9.73 -16.60 -13.88
C TYR A 518 8.29 -16.09 -14.07
N ARG A 519 8.10 -15.14 -14.98
CA ARG A 519 6.77 -14.59 -15.28
C ARG A 519 5.92 -15.55 -16.13
N PHE A 520 6.54 -16.61 -16.66
CA PHE A 520 5.86 -17.60 -17.50
C PHE A 520 6.01 -18.99 -16.91
N ASP A 521 4.94 -19.79 -16.99
CA ASP A 521 4.92 -21.13 -16.41
C ASP A 521 6.10 -21.95 -16.97
N PHE A 522 6.82 -22.64 -16.08
CA PHE A 522 7.98 -23.40 -16.51
C PHE A 522 7.57 -24.49 -17.51
N SER A 523 8.32 -24.61 -18.58
CA SER A 523 8.15 -25.67 -19.56
C SER A 523 8.52 -27.02 -18.95
N ASP A 524 8.18 -28.09 -19.66
CA ASP A 524 8.54 -29.45 -19.23
C ASP A 524 10.05 -29.64 -19.15
N GLU A 525 10.79 -29.04 -20.09
CA GLU A 525 12.26 -29.12 -20.08
C GLU A 525 12.84 -28.46 -18.84
N ILE A 526 12.34 -27.28 -18.52
CA ILE A 526 12.80 -26.58 -17.30
C ILE A 526 12.46 -27.40 -16.06
N LYS A 527 11.25 -27.95 -16.01
CA LYS A 527 10.81 -28.76 -14.87
C LYS A 527 11.69 -30.00 -14.67
N GLU A 528 12.12 -30.63 -15.77
CA GLU A 528 12.99 -31.79 -15.68
C GLU A 528 14.37 -31.40 -15.17
N LYS A 529 14.91 -30.28 -15.64
CA LYS A 529 16.20 -29.79 -15.15
C LYS A 529 16.17 -29.47 -13.66
N ILE A 530 15.07 -28.85 -13.21
CA ILE A 530 14.89 -28.52 -11.79
C ILE A 530 14.99 -29.74 -10.86
N LYS A 531 14.45 -30.88 -11.29
CA LYS A 531 14.52 -32.12 -10.51
C LYS A 531 15.93 -32.69 -10.35
N LYS A 532 16.88 -32.20 -11.15
CA LYS A 532 18.27 -32.62 -11.05
C LYS A 532 19.14 -31.63 -10.28
N LEU A 533 18.59 -30.48 -9.89
CA LEU A 533 19.40 -29.41 -9.27
C LEU A 533 19.66 -29.62 -7.78
N SER A 534 20.77 -29.03 -7.32
CA SER A 534 21.14 -28.99 -5.92
C SER A 534 20.23 -28.06 -5.12
N ALA A 535 20.33 -28.14 -3.80
CA ALA A 535 19.55 -27.29 -2.91
C ALA A 535 19.98 -25.82 -3.03
N LYS A 536 21.26 -25.59 -3.24
CA LYS A 536 21.81 -24.25 -3.38
C LYS A 536 21.19 -23.54 -4.59
N SER A 537 21.24 -24.19 -5.74
CA SER A 537 20.67 -23.64 -6.96
C SER A 537 19.13 -23.48 -6.86
N LEU A 538 18.45 -24.47 -6.30
CA LEU A 538 17.01 -24.40 -6.10
C LEU A 538 16.62 -23.23 -5.20
N ASN A 539 17.33 -23.08 -4.08
CA ASN A 539 17.09 -21.97 -3.16
C ASN A 539 17.30 -20.62 -3.82
N GLU A 540 18.34 -20.48 -4.63
CA GLU A 540 18.58 -19.25 -5.35
C GLU A 540 17.46 -18.99 -6.38
N MET A 541 16.99 -20.05 -7.04
CA MET A 541 15.88 -19.94 -7.99
C MET A 541 14.58 -19.57 -7.27
N LEU A 542 14.37 -20.13 -6.09
CA LEU A 542 13.19 -19.80 -5.29
C LEU A 542 13.18 -18.32 -4.93
N PHE A 543 14.34 -17.82 -4.52
CA PHE A 543 14.50 -16.40 -4.19
C PHE A 543 14.18 -15.52 -5.40
N ARG A 544 14.69 -15.91 -6.56
CA ARG A 544 14.41 -15.14 -7.80
C ARG A 544 12.95 -15.22 -8.23
N ALA A 545 12.34 -16.39 -8.07
CA ALA A 545 10.92 -16.55 -8.37
C ALA A 545 10.06 -15.67 -7.46
N GLN A 546 10.42 -15.62 -6.18
CA GLN A 546 9.72 -14.80 -5.20
C GLN A 546 9.93 -13.30 -5.40
N ARG A 547 11.09 -12.90 -5.92
CA ARG A 547 11.30 -11.50 -6.30
C ARG A 547 10.47 -11.12 -7.53
N THR A 548 10.38 -12.02 -8.51
CA THR A 548 9.54 -11.80 -9.67
C THR A 548 8.06 -11.67 -9.25
N GLU A 549 7.62 -12.55 -8.35
CA GLU A 549 6.26 -12.49 -7.82
C GLU A 549 5.96 -11.14 -7.14
N VAL A 550 6.92 -10.62 -6.38
CA VAL A 550 6.77 -9.33 -5.71
C VAL A 550 6.69 -8.19 -6.73
N ALA A 551 7.52 -8.25 -7.76
CA ALA A 551 7.49 -7.26 -8.82
C ALA A 551 6.12 -7.26 -9.49
N GLY A 552 5.61 -8.45 -9.80
CA GLY A 552 4.27 -8.61 -10.35
C GLY A 552 3.16 -8.10 -9.43
N MET A 553 3.30 -8.39 -8.13
CA MET A 553 2.34 -7.94 -7.12
C MET A 553 2.26 -6.41 -7.08
N THR A 554 3.42 -5.74 -7.02
CA THR A 554 3.44 -4.28 -7.03
C THR A 554 2.72 -3.71 -8.26
N ALA A 555 3.03 -4.24 -9.44
CA ALA A 555 2.41 -3.76 -10.68
C ALA A 555 0.91 -3.98 -10.74
N GLN A 556 0.46 -5.17 -10.33
CA GLN A 556 -0.96 -5.50 -10.43
C GLN A 556 -1.80 -4.86 -9.33
N ILE A 557 -1.34 -4.94 -8.07
CA ILE A 557 -2.19 -4.50 -6.95
C ILE A 557 -2.35 -2.98 -6.94
N ASN A 558 -1.36 -2.26 -7.45
CA ASN A 558 -1.44 -0.82 -7.49
C ASN A 558 -2.15 -0.30 -8.72
N ARG A 559 -2.22 -1.12 -9.78
CA ARG A 559 -3.14 -0.81 -10.89
C ARG A 559 -4.59 -1.07 -10.46
N LYS A 560 -4.82 -2.14 -9.71
CA LYS A 560 -6.09 -2.36 -9.00
C LYS A 560 -6.43 -1.18 -8.08
N LEU A 561 -5.45 -0.67 -7.33
CA LEU A 561 -5.70 0.46 -6.45
C LEU A 561 -6.14 1.69 -7.24
N LEU A 562 -5.52 1.89 -8.40
CA LEU A 562 -5.77 3.07 -9.19
C LEU A 562 -7.19 3.05 -9.74
N ILE A 563 -7.61 1.91 -10.28
CA ILE A 563 -8.96 1.82 -10.85
C ILE A 563 -10.05 1.82 -9.78
N ASN A 564 -9.79 1.19 -8.64
CA ASN A 564 -10.72 1.23 -7.51
C ASN A 564 -10.83 2.63 -6.93
N SER A 565 -9.75 3.39 -7.00
CA SER A 565 -9.75 4.79 -6.55
C SER A 565 -10.48 5.75 -7.49
N LEU A 566 -10.70 5.33 -8.74
CA LEU A 566 -11.58 6.07 -9.65
C LEU A 566 -13.03 5.96 -9.20
N TYR A 567 -13.48 4.74 -8.89
CA TYR A 567 -14.75 4.57 -8.17
C TYR A 567 -14.80 5.50 -6.96
N GLY A 568 -13.79 5.44 -6.10
CA GLY A 568 -13.77 6.24 -4.88
C GLY A 568 -13.77 7.74 -5.13
N ALA A 569 -13.08 8.16 -6.19
CA ALA A 569 -13.05 9.58 -6.57
C ALA A 569 -14.44 10.13 -6.91
N LEU A 570 -15.32 9.27 -7.43
CA LEU A 570 -16.70 9.65 -7.71
C LEU A 570 -17.46 10.04 -6.45
N GLY A 571 -16.98 9.56 -5.30
CA GLY A 571 -17.51 10.00 -4.00
C GLY A 571 -16.60 10.94 -3.20
N ASN A 572 -15.73 11.67 -3.89
CA ASN A 572 -14.89 12.71 -3.25
C ASN A 572 -15.20 14.09 -3.86
N VAL A 573 -15.59 15.05 -3.00
CA VAL A 573 -16.04 16.38 -3.43
C VAL A 573 -15.03 17.20 -4.26
N TRP A 574 -13.74 16.87 -4.18
CA TRP A 574 -12.69 17.58 -4.94
C TRP A 574 -12.50 17.07 -6.36
N PHE A 575 -13.11 15.93 -6.68
CA PHE A 575 -13.02 15.35 -8.02
C PHE A 575 -13.91 16.10 -8.99
N ARG A 576 -13.36 16.38 -10.16
CA ARG A 576 -14.10 17.11 -11.19
C ARG A 576 -15.40 16.39 -11.57
N TYR A 577 -15.40 15.05 -11.49
CA TYR A 577 -16.57 14.25 -11.87
C TYR A 577 -17.27 13.58 -10.68
N TYR A 578 -17.17 14.24 -9.52
CA TYR A 578 -17.91 13.88 -8.32
C TYR A 578 -19.38 13.80 -8.60
N ASP A 579 -20.01 12.69 -8.21
CA ASP A 579 -21.44 12.51 -8.38
C ASP A 579 -21.88 11.32 -7.56
N LEU A 580 -22.55 11.58 -6.44
CA LEU A 580 -23.06 10.49 -5.58
C LEU A 580 -24.11 9.61 -6.26
N ARG A 581 -24.75 10.09 -7.32
CA ARG A 581 -25.66 9.25 -8.10
C ARG A 581 -24.87 8.08 -8.72
N ASN A 582 -23.70 8.38 -9.27
CA ASN A 582 -22.84 7.35 -9.88
C ASN A 582 -22.14 6.46 -8.82
N ALA A 583 -21.60 7.06 -7.76
CA ALA A 583 -20.99 6.27 -6.67
C ALA A 583 -21.99 5.29 -6.04
N THR A 584 -23.22 5.74 -5.80
CA THR A 584 -24.23 4.86 -5.20
C THR A 584 -24.79 3.88 -6.23
N ALA A 585 -24.78 4.26 -7.51
CA ALA A 585 -25.17 3.32 -8.56
C ALA A 585 -24.27 2.09 -8.53
N ILE A 586 -22.97 2.31 -8.32
CA ILE A 586 -21.97 1.23 -8.27
C ILE A 586 -22.14 0.36 -7.02
N THR A 587 -22.22 0.99 -5.85
CA THR A 587 -22.33 0.25 -4.59
C THR A 587 -23.66 -0.49 -4.45
N THR A 588 -24.74 0.11 -4.92
CA THR A 588 -26.06 -0.51 -4.82
C THR A 588 -26.16 -1.72 -5.77
N PHE A 589 -25.64 -1.59 -6.98
CA PHE A 589 -25.55 -2.70 -7.93
C PHE A 589 -24.71 -3.85 -7.35
N GLY A 590 -23.60 -3.50 -6.71
CA GLY A 590 -22.75 -4.49 -6.03
C GLY A 590 -23.50 -5.29 -4.96
N GLN A 591 -24.31 -4.60 -4.16
CA GLN A 591 -25.13 -5.26 -3.14
C GLN A 591 -26.09 -6.26 -3.76
N MET A 592 -26.73 -5.86 -4.85
CA MET A 592 -27.66 -6.72 -5.56
C MET A 592 -26.95 -7.93 -6.15
N ALA A 593 -25.83 -7.69 -6.83
CA ALA A 593 -25.11 -8.79 -7.50
C ALA A 593 -24.71 -9.89 -6.52
N LEU A 594 -24.21 -9.49 -5.36
CA LEU A 594 -23.76 -10.44 -4.33
C LEU A 594 -24.92 -11.31 -3.84
N GLN A 595 -26.03 -10.67 -3.44
CA GLN A 595 -27.19 -11.38 -2.90
C GLN A 595 -28.00 -12.09 -4.01
N TRP A 596 -27.97 -11.55 -5.23
CA TRP A 596 -28.55 -12.23 -6.39
C TRP A 596 -27.82 -13.57 -6.59
N ILE A 597 -26.49 -13.53 -6.63
CA ILE A 597 -25.74 -14.74 -6.96
C ILE A 597 -25.69 -15.72 -5.79
N GLU A 598 -25.84 -15.22 -4.56
CA GLU A 598 -26.02 -16.07 -3.39
C GLU A 598 -27.28 -16.95 -3.56
N ARG A 599 -28.37 -16.32 -3.99
CA ARG A 599 -29.64 -17.01 -4.23
C ARG A 599 -29.46 -18.08 -5.30
N LYS A 600 -28.82 -17.71 -6.40
CA LYS A 600 -28.59 -18.62 -7.52
C LYS A 600 -27.73 -19.83 -7.15
N VAL A 601 -26.68 -19.61 -6.38
CA VAL A 601 -25.79 -20.70 -5.99
C VAL A 601 -26.52 -21.67 -5.05
N ASN A 602 -27.26 -21.12 -4.09
CA ASN A 602 -28.10 -21.92 -3.19
C ASN A 602 -29.14 -22.74 -3.95
N GLU A 603 -29.83 -22.10 -4.90
CA GLU A 603 -30.82 -22.80 -5.71
C GLU A 603 -30.15 -23.91 -6.52
N TYR A 604 -29.00 -23.61 -7.12
CA TYR A 604 -28.28 -24.60 -7.91
C TYR A 604 -27.86 -25.81 -7.06
N LEU A 605 -27.22 -25.58 -5.91
CA LEU A 605 -26.74 -26.67 -5.07
C LEU A 605 -27.85 -27.47 -4.38
N ASN A 606 -28.91 -26.80 -3.93
CA ASN A 606 -30.09 -27.50 -3.42
C ASN A 606 -30.66 -28.44 -4.47
N GLU A 607 -30.56 -28.04 -5.74
CA GLU A 607 -31.01 -28.85 -6.87
C GLU A 607 -30.15 -30.11 -7.00
N VAL A 608 -28.83 -29.96 -7.08
CA VAL A 608 -27.96 -31.13 -7.29
C VAL A 608 -27.87 -32.06 -6.08
N CYS A 609 -28.28 -31.57 -4.90
CA CYS A 609 -28.35 -32.39 -3.69
C CYS A 609 -29.78 -32.88 -3.37
N GLY A 610 -30.76 -32.43 -4.15
CA GLY A 610 -32.15 -32.79 -3.91
C GLY A 610 -32.67 -32.35 -2.56
N THR A 611 -32.24 -31.17 -2.10
CA THR A 611 -32.74 -30.57 -0.86
C THR A 611 -33.59 -29.34 -1.19
N GLU A 612 -34.16 -28.72 -0.16
CA GLU A 612 -34.95 -27.50 -0.30
C GLU A 612 -34.62 -26.54 0.84
N GLY A 613 -34.31 -25.29 0.49
CA GLY A 613 -34.13 -24.23 1.48
C GLY A 613 -32.87 -24.28 2.32
N GLU A 614 -31.95 -25.17 1.99
CA GLU A 614 -30.68 -25.27 2.71
C GLU A 614 -29.69 -24.19 2.24
N ALA A 615 -28.96 -23.62 3.18
CA ALA A 615 -28.03 -22.53 2.89
C ALA A 615 -26.60 -23.04 2.69
N PHE A 616 -26.16 -23.10 1.43
CA PHE A 616 -24.79 -23.49 1.08
C PHE A 616 -23.81 -22.32 1.16
N VAL A 617 -24.28 -21.11 0.88
CA VAL A 617 -23.45 -19.91 1.00
C VAL A 617 -23.47 -19.46 2.46
N LEU A 618 -22.34 -19.59 3.13
CA LEU A 618 -22.26 -19.32 4.57
C LEU A 618 -21.87 -17.88 4.86
N TYR A 619 -21.26 -17.22 3.88
CA TYR A 619 -20.72 -15.88 4.07
C TYR A 619 -20.44 -15.19 2.75
N GLY A 620 -20.41 -13.87 2.81
CA GLY A 620 -20.02 -13.05 1.68
C GLY A 620 -19.76 -11.62 2.11
N ASP A 621 -18.89 -10.94 1.37
CA ASP A 621 -18.49 -9.57 1.67
C ASP A 621 -18.16 -8.84 0.37
N THR A 622 -18.98 -7.85 0.06
CA THR A 622 -18.79 -6.98 -1.10
C THR A 622 -19.03 -7.68 -2.45
N ASP A 623 -18.13 -8.58 -2.86
CA ASP A 623 -18.27 -9.27 -4.13
C ASP A 623 -17.81 -10.73 -4.10
N SER A 624 -17.76 -11.31 -2.90
CA SER A 624 -17.30 -12.69 -2.71
C SER A 624 -18.37 -13.52 -2.02
N ILE A 625 -18.34 -14.83 -2.27
CA ILE A 625 -19.17 -15.79 -1.55
C ILE A 625 -18.30 -16.96 -1.08
N TYR A 626 -18.64 -17.51 0.09
CA TYR A 626 -17.99 -18.72 0.63
C TYR A 626 -19.05 -19.82 0.70
N VAL A 627 -18.76 -20.95 0.08
CA VAL A 627 -19.69 -22.03 -0.10
C VAL A 627 -19.25 -23.25 0.73
N SER A 628 -20.16 -23.76 1.54
CA SER A 628 -19.92 -25.00 2.27
C SER A 628 -19.92 -26.16 1.28
N ALA A 629 -18.82 -26.92 1.23
CA ALA A 629 -18.72 -28.09 0.33
C ALA A 629 -18.85 -29.47 1.03
N ASP A 630 -19.24 -29.49 2.29
CA ASP A 630 -19.34 -30.74 3.05
C ASP A 630 -20.20 -31.77 2.35
N LYS A 631 -21.38 -31.33 1.89
CA LYS A 631 -22.33 -32.24 1.25
C LYS A 631 -21.83 -32.76 -0.10
N ILE A 632 -21.01 -31.97 -0.78
CA ILE A 632 -20.42 -32.39 -2.06
C ILE A 632 -19.39 -33.48 -1.81
N ILE A 633 -18.53 -33.26 -0.81
CA ILE A 633 -17.54 -34.26 -0.38
C ILE A 633 -18.22 -35.53 0.15
N ASP A 634 -19.28 -35.35 0.94
CA ASP A 634 -20.00 -36.48 1.52
C ASP A 634 -20.79 -37.29 0.51
N LYS A 635 -21.14 -36.68 -0.62
CA LYS A 635 -21.85 -37.40 -1.67
C LYS A 635 -20.97 -38.46 -2.34
N VAL A 636 -19.66 -38.24 -2.37
CA VAL A 636 -18.74 -39.24 -2.90
C VAL A 636 -18.27 -40.20 -1.79
N GLY A 637 -18.05 -39.65 -0.60
CA GLY A 637 -17.57 -40.41 0.55
C GLY A 637 -16.09 -40.14 0.74
N GLU A 638 -15.70 -39.74 1.95
CA GLU A 638 -14.29 -39.45 2.23
C GLU A 638 -13.39 -40.66 2.02
N SER A 639 -13.94 -41.85 2.22
CA SER A 639 -13.22 -43.11 2.03
C SER A 639 -12.74 -43.33 0.60
N LYS A 640 -13.41 -42.71 -0.37
CA LYS A 640 -13.07 -42.89 -1.78
C LYS A 640 -11.80 -42.14 -2.20
N PHE A 641 -11.32 -41.24 -1.35
CA PHE A 641 -10.17 -40.42 -1.70
C PHE A 641 -8.85 -41.01 -1.23
N ARG A 642 -7.86 -40.98 -2.12
CA ARG A 642 -6.53 -41.53 -1.88
C ARG A 642 -5.76 -40.65 -0.91
N ASP A 643 -5.85 -39.34 -1.11
CA ASP A 643 -5.13 -38.36 -0.30
C ASP A 643 -5.82 -36.99 -0.37
N THR A 644 -5.27 -36.02 0.36
CA THR A 644 -5.83 -34.66 0.39
C THR A 644 -5.97 -34.10 -1.03
N ASN A 645 -4.87 -34.16 -1.78
CA ASN A 645 -4.81 -33.59 -3.12
C ASN A 645 -5.85 -34.18 -4.08
N HIS A 646 -6.29 -35.40 -3.81
CA HIS A 646 -7.35 -36.02 -4.59
C HIS A 646 -8.68 -35.29 -4.44
N TRP A 647 -9.12 -35.03 -3.21
CA TRP A 647 -10.38 -34.27 -3.05
C TRP A 647 -10.25 -32.80 -3.44
N VAL A 648 -9.04 -32.25 -3.36
CA VAL A 648 -8.80 -30.88 -3.82
C VAL A 648 -9.01 -30.80 -5.34
N ASP A 649 -8.54 -31.81 -6.07
CA ASP A 649 -8.76 -31.90 -7.53
C ASP A 649 -10.23 -32.05 -7.86
N PHE A 650 -10.93 -32.89 -7.10
CA PHE A 650 -12.36 -33.11 -7.29
C PHE A 650 -13.15 -31.81 -7.10
N LEU A 651 -12.88 -31.08 -6.01
CA LEU A 651 -13.55 -29.80 -5.77
C LEU A 651 -13.17 -28.74 -6.81
N ASP A 652 -11.90 -28.73 -7.18
CA ASP A 652 -11.41 -27.86 -8.24
C ASP A 652 -12.17 -28.11 -9.53
N LYS A 653 -12.35 -29.39 -9.86
CA LYS A 653 -13.07 -29.79 -11.08
C LYS A 653 -14.55 -29.44 -10.99
N PHE A 654 -15.16 -29.72 -9.85
CA PHE A 654 -16.56 -29.39 -9.62
C PHE A 654 -16.80 -27.89 -9.79
N ALA A 655 -15.92 -27.08 -9.20
CA ALA A 655 -16.03 -25.63 -9.25
C ALA A 655 -15.96 -25.10 -10.67
N ARG A 656 -15.00 -25.62 -11.44
CA ARG A 656 -14.76 -25.13 -12.80
C ARG A 656 -15.83 -25.60 -13.77
N GLU A 657 -16.27 -26.84 -13.65
CA GLU A 657 -17.14 -27.46 -14.65
C GLU A 657 -18.63 -27.40 -14.34
N ARG A 658 -18.98 -27.21 -13.07
CA ARG A 658 -20.37 -27.18 -12.64
C ARG A 658 -20.78 -25.82 -12.09
N MET A 659 -20.05 -25.34 -11.08
CA MET A 659 -20.45 -24.14 -10.36
C MET A 659 -20.31 -22.87 -11.17
N GLU A 660 -19.17 -22.71 -11.83
CA GLU A 660 -18.89 -21.50 -12.59
C GLU A 660 -19.84 -21.30 -13.77
N PRO A 661 -20.19 -22.39 -14.50
CA PRO A 661 -21.24 -22.25 -15.53
C PRO A 661 -22.60 -21.85 -14.96
N ALA A 662 -22.96 -22.38 -13.80
CA ALA A 662 -24.18 -21.96 -13.12
C ALA A 662 -24.10 -20.52 -12.67
N ILE A 663 -22.92 -20.10 -12.22
CA ILE A 663 -22.73 -18.73 -11.79
C ILE A 663 -22.85 -17.80 -13.01
N ASP A 664 -22.21 -18.17 -14.12
CA ASP A 664 -22.25 -17.36 -15.34
C ASP A 664 -23.69 -17.18 -15.83
N ARG A 665 -24.45 -18.28 -15.91
CA ARG A 665 -25.87 -18.19 -16.32
C ARG A 665 -26.68 -17.26 -15.40
N GLY A 666 -26.47 -17.38 -14.10
CA GLY A 666 -27.15 -16.52 -13.14
C GLY A 666 -26.91 -15.04 -13.37
N PHE A 667 -25.66 -14.67 -13.67
CA PHE A 667 -25.33 -13.27 -13.90
C PHE A 667 -25.80 -12.78 -15.29
N ARG A 668 -25.76 -13.66 -16.29
CA ARG A 668 -26.34 -13.31 -17.60
C ARG A 668 -27.81 -12.92 -17.49
N GLU A 669 -28.55 -13.61 -16.64
CA GLU A 669 -29.95 -13.26 -16.42
C GLU A 669 -30.07 -11.89 -15.74
N MET A 670 -29.21 -11.64 -14.76
CA MET A 670 -29.21 -10.36 -14.04
C MET A 670 -28.87 -9.19 -14.94
N CYS A 671 -27.90 -9.39 -15.84
CA CYS A 671 -27.52 -8.39 -16.84
C CYS A 671 -28.71 -8.00 -17.73
N GLU A 672 -29.45 -8.99 -18.20
CA GLU A 672 -30.64 -8.75 -19.02
C GLU A 672 -31.77 -8.10 -18.23
N TYR A 673 -31.97 -8.55 -17.00
CA TYR A 673 -32.95 -7.95 -16.09
C TYR A 673 -32.68 -6.45 -15.94
N MET A 674 -31.42 -6.09 -15.73
CA MET A 674 -31.03 -4.68 -15.61
C MET A 674 -30.74 -4.01 -16.97
N ASN A 675 -30.84 -4.78 -18.06
CA ASN A 675 -30.62 -4.24 -19.43
C ASN A 675 -29.25 -3.59 -19.62
N ASN A 676 -28.22 -4.17 -19.00
CA ASN A 676 -26.91 -3.55 -19.00
C ASN A 676 -26.23 -3.63 -20.35
N LYS A 677 -25.21 -2.79 -20.54
CA LYS A 677 -24.55 -2.67 -21.83
C LYS A 677 -23.80 -3.96 -22.18
N GLN A 678 -23.16 -4.57 -21.18
CA GLN A 678 -22.30 -5.74 -21.43
C GLN A 678 -22.13 -6.62 -20.17
N HIS A 679 -22.24 -7.93 -20.34
CA HIS A 679 -22.05 -8.87 -19.25
C HIS A 679 -20.57 -8.95 -18.86
N LEU A 680 -20.25 -8.44 -17.69
CA LEU A 680 -18.86 -8.45 -17.21
C LEU A 680 -18.73 -8.94 -15.76
N MET A 681 -19.76 -9.58 -15.23
CA MET A 681 -19.67 -10.18 -13.91
C MET A 681 -19.04 -11.56 -14.03
N PHE A 682 -17.73 -11.64 -13.75
CA PHE A 682 -16.97 -12.90 -13.85
C PHE A 682 -16.46 -13.27 -12.46
N MET A 683 -17.10 -14.27 -11.86
CA MET A 683 -16.82 -14.65 -10.49
C MET A 683 -16.01 -15.95 -10.47
N ASP A 684 -14.69 -15.81 -10.44
CA ASP A 684 -13.78 -16.97 -10.46
C ASP A 684 -13.65 -17.63 -9.08
N ARG A 685 -13.34 -18.92 -9.10
CA ARG A 685 -13.07 -19.65 -7.87
C ARG A 685 -11.77 -19.11 -7.29
N GLU A 686 -11.74 -18.88 -5.97
CA GLU A 686 -10.57 -18.36 -5.28
C GLU A 686 -9.96 -19.50 -4.44
N ALA A 687 -10.59 -19.85 -3.32
CA ALA A 687 -9.99 -20.79 -2.36
C ALA A 687 -10.68 -22.16 -2.38
N ILE A 688 -9.88 -23.20 -2.14
CA ILE A 688 -10.38 -24.53 -1.81
C ILE A 688 -9.73 -24.91 -0.48
N ALA A 689 -10.57 -25.08 0.55
CA ALA A 689 -10.09 -25.25 1.92
C ALA A 689 -10.73 -26.44 2.62
N GLY A 690 -9.98 -27.03 3.52
CA GLY A 690 -10.47 -28.15 4.33
C GLY A 690 -9.33 -28.71 5.16
N PRO A 691 -9.64 -29.67 6.05
CA PRO A 691 -8.56 -30.27 6.84
C PRO A 691 -7.77 -31.30 6.04
N PRO A 692 -6.55 -31.64 6.51
CA PRO A 692 -5.81 -32.74 5.86
C PRO A 692 -6.60 -34.03 5.96
N LEU A 693 -6.62 -34.82 4.88
CA LEU A 693 -7.42 -36.05 4.85
C LEU A 693 -7.03 -36.95 6.03
N GLY A 694 -8.03 -37.39 6.80
CA GLY A 694 -7.81 -38.32 7.90
C GLY A 694 -7.37 -37.69 9.21
N SER A 695 -7.24 -36.37 9.25
CA SER A 695 -6.86 -35.65 10.46
C SER A 695 -8.09 -35.33 11.30
N LYS A 696 -7.87 -34.76 12.49
CA LYS A 696 -8.95 -34.17 13.28
C LYS A 696 -8.97 -32.64 13.19
N GLY A 697 -8.34 -32.07 12.18
CA GLY A 697 -8.39 -30.61 11.96
C GLY A 697 -9.78 -30.17 11.54
N ILE A 698 -10.19 -28.96 11.93
CA ILE A 698 -11.56 -28.49 11.65
C ILE A 698 -11.71 -27.78 10.32
N GLY A 699 -10.59 -27.48 9.66
CA GLY A 699 -10.60 -26.90 8.31
C GLY A 699 -10.68 -25.38 8.30
N GLY A 700 -11.69 -24.83 8.97
CA GLY A 700 -11.86 -23.38 9.03
C GLY A 700 -12.86 -22.96 10.11
N PHE A 701 -12.92 -21.66 10.38
CA PHE A 701 -13.96 -21.09 11.24
C PHE A 701 -14.21 -19.60 10.97
N TRP A 702 -15.42 -19.15 11.32
CA TRP A 702 -15.83 -17.74 11.32
C TRP A 702 -16.22 -17.34 12.74
N THR A 703 -15.78 -16.18 13.23
CA THR A 703 -16.30 -15.63 14.50
C THR A 703 -17.37 -14.57 14.25
N GLY A 704 -17.35 -13.97 13.06
CA GLY A 704 -18.27 -12.88 12.73
C GLY A 704 -17.87 -12.26 11.41
N LYS A 705 -18.48 -11.12 11.07
CA LYS A 705 -18.15 -10.43 9.83
C LYS A 705 -16.68 -10.04 9.84
N LYS A 706 -16.03 -10.21 8.69
CA LYS A 706 -14.63 -9.82 8.48
C LYS A 706 -13.65 -10.48 9.46
N ARG A 707 -14.05 -11.64 10.01
CA ARG A 707 -13.21 -12.38 10.96
C ARG A 707 -13.32 -13.90 10.71
N TYR A 708 -12.31 -14.47 10.05
CA TYR A 708 -12.33 -15.90 9.74
C TYR A 708 -10.95 -16.44 9.43
N ALA A 709 -10.87 -17.77 9.36
CA ALA A 709 -9.63 -18.48 9.11
C ALA A 709 -9.92 -19.75 8.32
N LEU A 710 -9.11 -20.02 7.30
CA LEU A 710 -9.29 -21.17 6.43
C LEU A 710 -7.94 -21.82 6.15
N ASN A 711 -7.94 -23.15 6.13
CA ASN A 711 -6.77 -23.94 5.72
C ASN A 711 -6.87 -24.26 4.23
N VAL A 712 -6.09 -23.51 3.43
CA VAL A 712 -6.22 -23.50 1.98
C VAL A 712 -5.18 -24.37 1.28
N TRP A 713 -5.64 -25.17 0.32
CA TRP A 713 -4.78 -26.05 -0.48
C TRP A 713 -4.52 -25.48 -1.89
N ASP A 714 -5.48 -24.74 -2.42
CA ASP A 714 -5.35 -24.13 -3.75
C ASP A 714 -5.95 -22.73 -3.74
N MET A 715 -5.18 -21.77 -4.26
CA MET A 715 -5.61 -20.38 -4.31
C MET A 715 -5.45 -19.86 -5.73
N GLU A 716 -6.59 -19.64 -6.42
CA GLU A 716 -6.61 -19.12 -7.79
C GLU A 716 -5.69 -19.87 -8.75
N GLY A 717 -5.62 -21.18 -8.60
CA GLY A 717 -4.83 -22.03 -9.49
C GLY A 717 -3.41 -22.30 -9.01
N THR A 718 -3.05 -21.80 -7.83
CA THR A 718 -1.77 -22.14 -7.21
C THR A 718 -2.01 -23.29 -6.24
N ARG A 719 -1.43 -24.44 -6.55
CA ARG A 719 -1.55 -25.64 -5.71
C ARG A 719 -0.32 -25.66 -4.83
N TYR A 720 -0.50 -25.50 -3.53
CA TYR A 720 0.61 -25.30 -2.62
C TYR A 720 1.31 -26.61 -2.32
N ALA A 721 2.63 -26.57 -2.17
CA ALA A 721 3.39 -27.69 -1.64
C ALA A 721 2.90 -28.02 -0.22
N GLU A 722 2.70 -26.98 0.59
CA GLU A 722 2.15 -27.13 1.93
C GLU A 722 0.92 -26.23 2.09
N PRO A 723 -0.11 -26.72 2.79
CA PRO A 723 -1.32 -25.90 2.95
C PRO A 723 -1.00 -24.55 3.56
N LYS A 724 -1.67 -23.49 3.11
CA LYS A 724 -1.44 -22.15 3.62
C LYS A 724 -2.66 -21.65 4.39
N LEU A 725 -2.41 -21.01 5.53
CA LEU A 725 -3.48 -20.41 6.32
C LEU A 725 -3.89 -19.08 5.72
N LYS A 726 -5.18 -18.93 5.42
CA LYS A 726 -5.74 -17.64 5.02
C LYS A 726 -6.55 -17.13 6.20
N ILE A 727 -5.98 -16.14 6.89
CA ILE A 727 -6.59 -15.59 8.09
C ILE A 727 -6.93 -14.14 7.82
N MET A 728 -8.21 -13.78 7.95
CA MET A 728 -8.62 -12.41 7.72
C MET A 728 -9.20 -11.78 8.98
N GLY A 729 -8.74 -10.58 9.31
CA GLY A 729 -9.32 -9.76 10.38
C GLY A 729 -8.96 -10.15 11.80
N LEU A 730 -8.62 -11.42 12.02
CA LEU A 730 -8.27 -11.88 13.35
C LEU A 730 -6.99 -11.21 13.84
N GLU A 731 -6.71 -11.36 15.13
CA GLU A 731 -5.65 -10.61 15.79
C GLU A 731 -4.25 -10.91 15.26
N THR A 732 -4.08 -12.07 14.61
CA THR A 732 -2.84 -12.39 13.94
C THR A 732 -2.53 -11.42 12.79
N GLN A 733 -3.57 -10.74 12.28
CA GLN A 733 -3.42 -9.83 11.13
C GLN A 733 -3.34 -8.36 11.51
N LYS A 734 -3.40 -8.05 12.80
CA LYS A 734 -3.48 -6.67 13.28
C LYS A 734 -2.13 -6.19 13.81
N SER A 735 -1.67 -5.04 13.32
CA SER A 735 -0.37 -4.47 13.76
C SER A 735 -0.38 -4.10 15.24
N SER A 736 -1.55 -3.88 15.82
CA SER A 736 -1.69 -3.59 17.25
C SER A 736 -1.39 -4.78 18.18
N THR A 737 -1.54 -6.00 17.67
CA THR A 737 -1.27 -7.20 18.44
C THR A 737 0.25 -7.43 18.61
N PRO A 738 0.70 -7.79 19.82
CA PRO A 738 2.14 -8.04 20.02
C PRO A 738 2.70 -9.13 19.10
N LYS A 739 3.93 -8.93 18.64
CA LYS A 739 4.56 -9.84 17.68
C LYS A 739 4.56 -11.28 18.12
N ALA A 740 4.95 -11.51 19.37
CA ALA A 740 4.98 -12.86 19.90
C ALA A 740 3.58 -13.45 20.02
N VAL A 741 2.59 -12.59 20.22
CA VAL A 741 1.20 -13.03 20.40
C VAL A 741 0.55 -13.38 19.06
N GLN A 742 0.83 -12.58 18.02
CA GLN A 742 0.47 -12.93 16.63
C GLN A 742 0.94 -14.34 16.28
N LYS A 743 2.20 -14.59 16.62
CA LYS A 743 2.87 -15.87 16.33
C LYS A 743 2.20 -17.04 17.05
N ALA A 744 1.94 -16.87 18.36
CA ALA A 744 1.30 -17.92 19.14
C ALA A 744 -0.16 -18.16 18.74
N LEU A 745 -0.89 -17.08 18.48
CA LEU A 745 -2.28 -17.22 18.05
C LEU A 745 -2.36 -17.90 16.68
N LYS A 746 -1.40 -17.60 15.80
CA LYS A 746 -1.34 -18.26 14.49
C LYS A 746 -1.08 -19.75 14.60
N GLU A 747 -0.23 -20.15 15.55
CA GLU A 747 0.04 -21.57 15.77
C GLU A 747 -1.17 -22.28 16.37
N CYS A 748 -1.90 -21.63 17.27
CA CYS A 748 -3.14 -22.18 17.82
C CYS A 748 -4.15 -22.43 16.70
N ILE A 749 -4.28 -21.44 15.81
CA ILE A 749 -5.16 -21.57 14.66
C ILE A 749 -4.70 -22.69 13.72
N ARG A 750 -3.41 -22.76 13.43
CA ARG A 750 -2.88 -23.85 12.61
C ARG A 750 -3.30 -25.18 13.19
N ARG A 751 -3.10 -25.34 14.50
CA ARG A 751 -3.43 -26.60 15.16
C ARG A 751 -4.93 -26.91 15.11
N MET A 752 -5.76 -25.90 15.41
CA MET A 752 -7.21 -26.03 15.26
C MET A 752 -7.59 -26.52 13.87
N LEU A 753 -7.12 -25.83 12.83
CA LEU A 753 -7.53 -26.15 11.45
C LEU A 753 -6.92 -27.43 10.88
N GLN A 754 -5.70 -27.79 11.31
CA GLN A 754 -4.97 -28.93 10.73
C GLN A 754 -4.93 -30.20 11.59
N GLU A 755 -4.91 -30.04 12.91
CA GLU A 755 -4.64 -31.18 13.82
C GLU A 755 -5.77 -31.47 14.82
N GLY A 756 -6.44 -30.42 15.30
CA GLY A 756 -7.64 -30.61 16.10
C GLY A 756 -7.50 -30.13 17.54
N GLU A 757 -8.46 -30.52 18.35
CA GLU A 757 -8.63 -29.97 19.69
C GLU A 757 -7.51 -30.31 20.66
N GLU A 758 -7.05 -31.56 20.62
CA GLU A 758 -6.01 -31.99 21.56
C GLU A 758 -4.69 -31.30 21.26
N SER A 759 -4.35 -31.16 19.98
CA SER A 759 -3.12 -30.47 19.60
C SER A 759 -3.15 -29.01 20.09
N LEU A 760 -4.30 -28.37 19.93
CA LEU A 760 -4.48 -26.98 20.40
C LEU A 760 -4.27 -26.89 21.92
N GLN A 761 -4.86 -27.82 22.66
CA GLN A 761 -4.74 -27.85 24.12
C GLN A 761 -3.31 -28.02 24.62
N GLU A 762 -2.53 -28.88 23.95
CA GLU A 762 -1.12 -29.06 24.30
C GLU A 762 -0.33 -27.78 24.11
N TYR A 763 -0.57 -27.08 23.00
CA TYR A 763 0.20 -25.87 22.70
C TYR A 763 -0.16 -24.74 23.66
N PHE A 764 -1.46 -24.57 23.94
CA PHE A 764 -1.89 -23.55 24.88
C PHE A 764 -1.20 -23.71 26.22
N LYS A 765 -1.30 -24.92 26.77
CA LYS A 765 -0.72 -25.22 28.07
C LYS A 765 0.75 -24.78 28.11
N GLU A 766 1.50 -25.09 27.06
CA GLU A 766 2.92 -24.74 27.04
C GLU A 766 3.16 -23.23 26.92
N PHE A 767 2.42 -22.57 26.04
CA PHE A 767 2.58 -21.11 25.89
C PHE A 767 2.33 -20.37 27.21
N GLU A 768 1.28 -20.77 27.92
CA GLU A 768 0.88 -20.11 29.17
C GLU A 768 1.97 -20.21 30.22
N LYS A 769 2.67 -21.34 30.19
CA LYS A 769 3.73 -21.64 31.14
C LYS A 769 5.02 -20.88 30.88
N GLU A 770 5.35 -20.61 29.62
CA GLU A 770 6.67 -20.06 29.26
C GLU A 770 6.68 -18.59 28.81
N PHE A 771 5.51 -17.98 28.61
CA PHE A 771 5.47 -16.68 27.93
C PHE A 771 6.14 -15.55 28.71
N ARG A 772 6.23 -15.69 30.04
CA ARG A 772 6.91 -14.69 30.87
C ARG A 772 8.41 -14.49 30.52
N GLN A 773 8.98 -15.43 29.77
CA GLN A 773 10.36 -15.31 29.30
C GLN A 773 10.47 -14.51 28.02
N LEU A 774 9.35 -14.18 27.37
CA LEU A 774 9.42 -13.47 26.09
C LEU A 774 9.95 -12.05 26.27
N ASN A 775 10.82 -11.64 25.36
CA ASN A 775 11.34 -10.29 25.35
C ASN A 775 10.18 -9.28 25.37
N TYR A 776 10.34 -8.25 26.19
CA TYR A 776 9.27 -7.28 26.48
C TYR A 776 8.72 -6.57 25.24
N ILE A 777 9.58 -6.34 24.24
CA ILE A 777 9.16 -5.69 23.01
C ILE A 777 8.22 -6.61 22.25
N SER A 778 8.55 -7.90 22.22
CA SER A 778 7.72 -8.91 21.54
C SER A 778 6.33 -9.07 22.15
N ILE A 779 6.14 -8.65 23.39
CA ILE A 779 4.82 -8.76 24.05
C ILE A 779 4.16 -7.40 24.32
N ALA A 780 4.74 -6.33 23.79
CA ALA A 780 4.12 -5.01 23.85
C ALA A 780 3.04 -4.84 22.78
N SER A 781 1.91 -4.23 23.15
CA SER A 781 0.91 -3.82 22.18
C SER A 781 1.41 -2.59 21.43
N VAL A 782 0.76 -2.26 20.32
CA VAL A 782 1.16 -1.12 19.49
C VAL A 782 -0.08 -0.30 19.15
N SER A 783 0.07 1.03 19.20
CA SER A 783 -0.99 1.93 18.79
C SER A 783 -0.45 3.25 18.23
N SER A 784 -1.19 3.84 17.32
CA SER A 784 -0.96 5.21 16.90
C SER A 784 -1.32 6.10 18.08
N ALA A 785 -0.61 7.21 18.20
CA ALA A 785 -0.81 8.16 19.28
C ALA A 785 -1.23 9.53 18.75
N ASN A 786 -2.54 9.75 18.62
CA ASN A 786 -3.09 11.06 18.27
C ASN A 786 -3.62 11.83 19.49
N ASN A 787 -3.61 13.16 19.39
CA ASN A 787 -4.23 14.04 20.38
C ASN A 787 -3.67 13.91 21.79
N ILE A 788 -2.36 13.72 21.90
CA ILE A 788 -1.74 13.56 23.21
C ILE A 788 -2.03 14.81 24.07
N ALA A 789 -1.92 15.99 23.46
CA ALA A 789 -2.13 17.26 24.17
C ALA A 789 -3.55 17.39 24.70
N LYS A 790 -4.55 17.01 23.90
CA LYS A 790 -5.97 17.09 24.30
C LYS A 790 -6.26 16.41 25.64
N TYR A 791 -5.56 15.31 25.91
CA TYR A 791 -5.82 14.50 27.10
C TYR A 791 -4.82 14.74 28.23
N ASP A 792 -3.87 15.66 28.02
CA ASP A 792 -2.84 15.98 29.01
C ASP A 792 -3.32 17.12 29.92
N VAL A 793 -3.64 16.77 31.17
CA VAL A 793 -4.09 17.74 32.18
C VAL A 793 -3.05 17.77 33.31
N GLY A 794 -2.10 18.70 33.23
CA GLY A 794 -1.04 18.80 34.23
C GLY A 794 -0.08 17.62 34.22
N GLY A 795 0.08 16.98 33.07
CA GLY A 795 0.92 15.78 32.95
C GLY A 795 0.19 14.53 33.41
N PHE A 796 -1.13 14.64 33.58
CA PHE A 796 -1.97 13.53 34.02
C PHE A 796 -3.17 13.36 33.08
N PRO A 797 -3.78 12.15 33.08
CA PRO A 797 -4.90 11.86 32.16
C PRO A 797 -6.13 12.74 32.41
N GLY A 798 -6.62 13.38 31.36
CA GLY A 798 -7.91 14.07 31.43
C GLY A 798 -9.05 13.07 31.25
N PRO A 799 -10.29 13.57 31.30
CA PRO A 799 -11.47 12.70 31.11
C PRO A 799 -11.44 11.94 29.78
N LYS A 800 -11.95 10.71 29.80
CA LYS A 800 -11.97 9.82 28.62
C LYS A 800 -10.58 9.60 27.99
N CYS A 801 -9.52 9.66 28.79
CA CYS A 801 -8.16 9.50 28.25
C CYS A 801 -7.97 8.08 27.72
N PRO A 802 -7.63 7.94 26.42
CA PRO A 802 -7.39 6.57 25.93
C PRO A 802 -6.24 5.86 26.65
N PHE A 803 -6.32 4.54 26.71
CA PHE A 803 -5.35 3.71 27.42
C PHE A 803 -3.93 3.95 26.94
N HIS A 804 -3.73 4.00 25.63
CA HIS A 804 -2.40 4.24 25.09
C HIS A 804 -1.90 5.67 25.35
N ILE A 805 -2.80 6.65 25.39
CA ILE A 805 -2.41 8.03 25.71
C ILE A 805 -2.00 8.13 27.18
N ARG A 806 -2.78 7.51 28.06
CA ARG A 806 -2.39 7.35 29.47
C ARG A 806 -0.96 6.81 29.58
N GLY A 807 -0.64 5.79 28.77
CA GLY A 807 0.69 5.21 28.76
C GLY A 807 1.77 6.22 28.41
N ILE A 808 1.49 7.08 27.43
CA ILE A 808 2.45 8.11 27.01
C ILE A 808 2.68 9.16 28.10
N LEU A 809 1.60 9.56 28.78
CA LEU A 809 1.72 10.56 29.85
C LEU A 809 2.53 9.99 31.00
N THR A 810 2.31 8.72 31.32
CA THR A 810 3.12 8.05 32.32
C THR A 810 4.61 8.11 31.93
N TYR A 811 4.90 7.82 30.67
CA TYR A 811 6.28 7.93 30.14
C TYR A 811 6.82 9.35 30.30
N ASN A 812 6.03 10.35 29.90
CA ASN A 812 6.48 11.74 29.96
C ASN A 812 6.86 12.17 31.40
N ARG A 813 6.09 11.73 32.40
CA ARG A 813 6.43 12.01 33.80
C ARG A 813 7.74 11.34 34.21
N ALA A 814 7.93 10.10 33.75
CA ALA A 814 9.11 9.31 34.15
C ALA A 814 10.43 9.83 33.56
N ILE A 815 10.37 10.55 32.44
CA ILE A 815 11.59 11.10 31.81
C ILE A 815 11.72 12.63 31.90
N LYS A 816 10.96 13.25 32.80
CA LYS A 816 10.86 14.71 32.84
C LYS A 816 12.21 15.38 33.11
N GLY A 817 12.43 16.51 32.47
CA GLY A 817 13.69 17.27 32.60
C GLY A 817 14.71 16.92 31.53
N ASN A 818 14.77 15.65 31.15
CA ASN A 818 15.73 15.17 30.15
C ASN A 818 15.43 15.66 28.75
N ILE A 819 16.41 16.36 28.16
CA ILE A 819 16.35 16.77 26.75
C ILE A 819 17.03 15.69 25.88
N ASP A 820 17.54 14.64 26.53
CA ASP A 820 18.26 13.56 25.86
C ASP A 820 17.36 12.33 25.56
N ALA A 821 16.44 12.01 26.47
CA ALA A 821 15.57 10.84 26.31
C ALA A 821 14.64 11.03 25.12
N PRO A 822 14.34 9.95 24.38
CA PRO A 822 13.44 10.05 23.22
C PRO A 822 12.05 10.57 23.57
N GLN A 823 11.57 11.54 22.80
CA GLN A 823 10.22 12.05 22.96
C GLN A 823 9.29 11.24 22.09
N VAL A 824 8.07 11.04 22.58
CA VAL A 824 7.01 10.46 21.79
C VAL A 824 6.50 11.54 20.85
N VAL A 825 6.42 11.21 19.55
CA VAL A 825 5.99 12.16 18.51
C VAL A 825 4.50 12.00 18.23
N GLU A 826 3.79 13.12 18.27
CA GLU A 826 2.36 13.18 17.95
C GLU A 826 2.08 12.50 16.61
N GLY A 827 1.08 11.60 16.61
CA GLY A 827 0.62 10.96 15.37
C GLY A 827 1.42 9.76 14.89
N GLU A 828 2.52 9.45 15.57
CA GLU A 828 3.31 8.27 15.26
C GLU A 828 2.93 7.15 16.24
N LYS A 829 3.62 6.02 16.16
CA LYS A 829 3.21 4.85 16.94
C LYS A 829 4.06 4.60 18.18
N VAL A 830 3.46 3.97 19.18
CA VAL A 830 4.11 3.64 20.44
C VAL A 830 3.90 2.17 20.81
N TYR A 831 4.88 1.59 21.50
CA TYR A 831 4.70 0.32 22.21
C TYR A 831 3.98 0.61 23.51
N VAL A 832 3.14 -0.33 23.97
CA VAL A 832 2.38 -0.17 25.21
C VAL A 832 2.45 -1.42 26.10
N LEU A 833 2.72 -1.21 27.38
CA LEU A 833 2.73 -2.29 28.36
C LEU A 833 1.92 -1.91 29.59
N PRO A 834 1.19 -2.88 30.15
CA PRO A 834 0.53 -2.68 31.44
C PRO A 834 1.51 -2.83 32.60
N LEU A 835 1.18 -2.18 33.72
CA LEU A 835 2.03 -2.17 34.92
C LEU A 835 1.27 -2.69 36.13
N ARG A 836 1.94 -3.51 36.95
CA ARG A 836 1.33 -4.04 38.19
C ARG A 836 1.03 -2.93 39.20
N GLU A 837 0.03 -3.18 40.04
CA GLU A 837 -0.36 -2.25 41.13
C GLU A 837 0.82 -1.88 42.03
N GLY A 838 0.90 -0.60 42.40
CA GLY A 838 1.95 -0.14 43.31
C GLY A 838 3.31 0.07 42.67
N ASN A 839 3.35 0.20 41.35
CA ASN A 839 4.59 0.49 40.63
C ASN A 839 5.02 1.94 40.83
N PRO A 840 6.33 2.22 40.66
CA PRO A 840 6.88 3.58 40.83
C PRO A 840 6.44 4.62 39.81
N PHE A 841 5.87 4.21 38.68
CA PHE A 841 5.40 5.16 37.67
C PHE A 841 4.04 5.76 38.02
N GLY A 842 3.38 5.19 39.04
CA GLY A 842 2.14 5.73 39.57
C GLY A 842 0.93 5.59 38.67
N ASP A 843 0.97 4.68 37.70
CA ASP A 843 -0.20 4.41 36.84
C ASP A 843 -0.13 3.00 36.23
N LYS A 844 -1.21 2.64 35.53
CA LYS A 844 -1.45 1.25 35.13
C LYS A 844 -0.83 0.84 33.80
N CYS A 845 -0.18 1.77 33.11
CA CYS A 845 0.50 1.45 31.87
C CYS A 845 1.58 2.48 31.53
N ILE A 846 2.45 2.09 30.60
CA ILE A 846 3.44 3.01 30.05
C ILE A 846 3.61 2.74 28.54
N ALA A 847 3.85 3.81 27.79
CA ALA A 847 4.05 3.72 26.35
C ALA A 847 5.32 4.44 25.96
N TRP A 848 6.00 3.96 24.92
CA TRP A 848 7.21 4.59 24.41
C TRP A 848 7.30 4.44 22.90
N PRO A 849 8.14 5.25 22.22
CA PRO A 849 8.18 5.21 20.75
C PRO A 849 8.39 3.81 20.18
N SER A 850 7.59 3.41 19.19
CA SER A 850 7.69 2.07 18.59
C SER A 850 8.97 1.93 17.76
N GLY A 851 9.42 0.69 17.56
CA GLY A 851 10.67 0.42 16.85
C GLY A 851 11.94 0.75 17.62
N THR A 852 11.81 0.96 18.93
CA THR A 852 12.95 1.33 19.78
C THR A 852 12.91 0.58 21.11
N GLU A 853 14.09 0.43 21.71
CA GLU A 853 14.25 0.02 23.10
C GLU A 853 13.86 1.19 23.98
N ILE A 854 13.22 0.92 25.11
CA ILE A 854 12.91 2.01 26.04
C ILE A 854 14.22 2.48 26.68
N THR A 855 14.33 3.78 26.91
CA THR A 855 15.55 4.38 27.48
C THR A 855 16.00 3.69 28.79
N ASP A 856 17.31 3.55 28.97
CA ASP A 856 17.91 2.61 29.95
C ASP A 856 17.57 2.88 31.41
N LEU A 857 17.43 4.16 31.77
CA LEU A 857 17.21 4.53 33.17
C LEU A 857 15.85 4.07 33.72
N ILE A 858 14.86 3.82 32.84
CA ILE A 858 13.57 3.26 33.28
C ILE A 858 13.29 1.85 32.75
N LYS A 859 14.16 1.36 31.87
CA LYS A 859 13.99 0.02 31.30
C LYS A 859 13.85 -1.02 32.39
N ASP A 860 14.80 -1.03 33.32
CA ASP A 860 14.82 -2.02 34.38
C ASP A 860 13.54 -2.02 35.22
N ASP A 861 13.01 -0.83 35.51
CA ASP A 861 11.78 -0.70 36.30
C ASP A 861 10.58 -1.20 35.52
N VAL A 862 10.52 -0.86 34.24
CA VAL A 862 9.45 -1.34 33.38
C VAL A 862 9.48 -2.87 33.36
N LEU A 863 10.66 -3.46 33.19
CA LEU A 863 10.79 -4.93 33.14
C LEU A 863 10.39 -5.56 34.47
N HIS A 864 10.65 -4.86 35.56
CA HIS A 864 10.36 -5.38 36.90
C HIS A 864 8.87 -5.32 37.22
N TRP A 865 8.20 -4.29 36.69
CA TRP A 865 6.80 -4.02 37.04
C TRP A 865 5.77 -4.39 35.94
N MET A 866 6.26 -4.89 34.80
CA MET A 866 5.39 -5.44 33.73
C MET A 866 4.33 -6.38 34.25
N ASP A 867 3.06 -6.13 33.90
CA ASP A 867 1.97 -7.01 34.32
C ASP A 867 1.71 -8.10 33.28
N TYR A 868 2.44 -9.21 33.44
CA TYR A 868 2.35 -10.35 32.53
C TYR A 868 0.98 -11.00 32.54
N THR A 869 0.33 -11.05 33.70
CA THR A 869 -0.99 -11.65 33.82
C THR A 869 -2.04 -10.89 32.99
N VAL A 870 -2.05 -9.57 33.11
CA VAL A 870 -2.96 -8.72 32.32
C VAL A 870 -2.66 -8.82 30.81
N LEU A 871 -1.38 -8.70 30.48
CA LEU A 871 -0.91 -8.79 29.09
C LEU A 871 -1.39 -10.09 28.43
N LEU A 872 -1.25 -11.20 29.15
CA LEU A 872 -1.69 -12.51 28.64
C LEU A 872 -3.19 -12.56 28.42
N GLU A 873 -3.94 -12.14 29.42
CA GLU A 873 -5.40 -12.20 29.36
C GLU A 873 -5.97 -11.37 28.23
N LYS A 874 -5.40 -10.18 28.02
CA LYS A 874 -5.94 -9.23 27.05
C LYS A 874 -5.53 -9.52 25.62
N THR A 875 -4.28 -9.88 25.40
CA THR A 875 -3.77 -10.00 24.04
C THR A 875 -3.90 -11.41 23.49
N PHE A 876 -3.87 -12.43 24.37
CA PHE A 876 -3.83 -13.82 23.93
C PHE A 876 -5.07 -14.63 24.30
N ILE A 877 -5.42 -14.65 25.58
CA ILE A 877 -6.53 -15.51 26.04
C ILE A 877 -7.90 -15.01 25.55
N LYS A 878 -8.14 -13.70 25.64
CA LYS A 878 -9.38 -13.12 25.10
C LYS A 878 -9.63 -13.51 23.64
N PRO A 879 -8.68 -13.18 22.74
CA PRO A 879 -8.93 -13.56 21.34
C PRO A 879 -9.09 -15.08 21.14
N LEU A 880 -8.26 -15.86 21.82
CA LEU A 880 -8.31 -17.32 21.67
C LEU A 880 -9.67 -17.88 22.14
N GLU A 881 -10.17 -17.34 23.25
CA GLU A 881 -11.50 -17.69 23.75
C GLU A 881 -12.56 -17.41 22.67
N GLY A 882 -12.43 -16.26 21.99
CA GLY A 882 -13.28 -15.94 20.86
C GLY A 882 -13.17 -16.96 19.72
N PHE A 883 -11.95 -17.33 19.33
CA PHE A 883 -11.78 -18.30 18.23
C PHE A 883 -12.40 -19.65 18.60
N THR A 884 -12.12 -20.12 19.81
CA THR A 884 -12.49 -21.47 20.24
C THR A 884 -13.98 -21.63 20.53
N SER A 885 -14.63 -20.60 21.08
CA SER A 885 -16.07 -20.66 21.31
C SER A 885 -16.81 -20.63 19.98
N ALA A 886 -16.30 -19.85 19.03
CA ALA A 886 -16.84 -19.85 17.67
C ALA A 886 -16.70 -21.23 17.02
N ALA A 887 -15.52 -21.85 17.14
CA ALA A 887 -15.26 -23.15 16.54
C ALA A 887 -15.82 -24.33 17.36
N LYS A 888 -16.45 -24.02 18.50
CA LYS A 888 -17.06 -25.03 19.38
C LYS A 888 -16.03 -26.06 19.86
N LEU A 889 -14.94 -25.58 20.44
CA LEU A 889 -13.98 -26.44 21.11
C LEU A 889 -13.31 -25.73 22.29
N ASP A 890 -12.56 -26.47 23.10
CA ASP A 890 -11.98 -25.93 24.32
C ASP A 890 -10.46 -25.91 24.22
N TYR A 891 -9.86 -24.81 24.66
CA TYR A 891 -8.40 -24.69 24.68
C TYR A 891 -7.79 -25.28 25.96
N GLU A 892 -8.64 -25.59 26.94
CA GLU A 892 -8.22 -26.30 28.14
C GLU A 892 -9.04 -27.57 28.26
N LYS A 893 -8.39 -28.68 28.58
CA LYS A 893 -9.09 -29.96 28.69
C LYS A 893 -10.12 -29.93 29.83
N LYS A 894 -11.34 -30.32 29.50
CA LYS A 894 -12.41 -30.43 30.49
C LYS A 894 -12.26 -31.75 31.28
N ALA A 895 -12.78 -31.78 32.50
CA ALA A 895 -12.76 -32.99 33.32
C ALA A 895 -13.63 -34.09 32.71
N SER A 896 -13.29 -35.34 33.02
CA SER A 896 -14.07 -36.49 32.54
C SER A 896 -14.14 -37.58 33.61
N LEU A 897 -14.94 -38.60 33.34
CA LEU A 897 -15.04 -39.76 34.22
C LEU A 897 -13.73 -40.57 34.23
N PHE A 898 -12.96 -40.48 33.16
CA PHE A 898 -11.64 -41.15 33.09
C PHE A 898 -10.62 -40.65 34.12
N ASP A 899 -10.85 -39.44 34.63
CA ASP A 899 -10.03 -38.88 35.69
C ASP A 899 -10.13 -39.68 37.00
N MET A 900 -11.14 -40.54 37.12
CA MET A 900 -11.27 -41.47 38.25
C MET A 900 -10.17 -42.55 38.23
N PHE A 901 -9.45 -42.64 37.10
CA PHE A 901 -8.32 -43.55 36.95
C PHE A 901 -7.07 -42.72 36.68
PG ATP D . -9.82 -8.73 -7.52
O1G ATP D . -10.83 -9.39 -6.60
O2G ATP D . -10.00 -9.08 -8.97
O3G ATP D . -8.40 -8.77 -7.00
PB ATP D . -11.36 -6.40 -6.74
O1B ATP D . -11.29 -4.94 -7.13
O2B ATP D . -12.64 -7.17 -6.93
O3B ATP D . -10.17 -7.14 -7.53
PA ATP D . -11.59 -6.95 -3.86
O1A ATP D . -10.56 -6.84 -2.78
O2A ATP D . -12.34 -8.24 -4.05
O3A ATP D . -10.84 -6.51 -5.22
O5' ATP D . -12.60 -5.71 -3.61
C5' ATP D . -13.93 -5.75 -4.12
C4' ATP D . -14.39 -4.33 -4.38
O4' ATP D . -14.37 -3.58 -3.14
C3' ATP D . -13.49 -3.56 -5.34
O3' ATP D . -13.66 -3.88 -6.72
C2' ATP D . -13.89 -2.15 -4.96
C1' ATP D . -13.99 -2.24 -3.43
N9 ATP D . -12.66 -1.89 -2.88
C8 ATP D . -11.71 -2.73 -2.40
N7 ATP D . -10.62 -2.04 -1.99
C5 ATP D . -10.87 -0.74 -2.22
C6 ATP D . -10.15 0.52 -2.04
N6 ATP D . -8.90 0.53 -1.52
N1 ATP D . -10.77 1.67 -2.42
C2 ATP D . -12.01 1.67 -2.93
N3 ATP D . -12.72 0.55 -3.11
C4 ATP D . -12.21 -0.65 -2.80
CA CA E . -13.15 -9.20 -6.15
CA CA F . -13.62 -10.04 -2.18
CA CA G . 16.10 -33.88 -7.33
CA CA H . -10.10 -13.50 -8.64
CA CA I . 20.94 8.56 10.63
CA CA J . 15.72 2.71 37.12
#